data_8IPF
#
_entry.id   8IPF
#
_cell.length_a   64.300
_cell.length_b   59.068
_cell.length_c   127.505
_cell.angle_alpha   90.000
_cell.angle_beta   100.565
_cell.angle_gamma   90.000
#
_symmetry.space_group_name_H-M   'P 1 21 1'
#
loop_
_entity.id
_entity.type
_entity.pdbx_description
1 polymer 'DARPin (2E4)'
2 water water
#
_entity_poly.entity_id   1
_entity_poly.type   'polypeptide(L)'
_entity_poly.pdbx_seq_one_letter_code
;MGGSHHHHHHGSDLGKKLLEAARAGQDDEVRILMANGADVNAKDRYGNTPLHLAAYMGHLEIVEVLLKYGADVNAMDHWG
RTPLHLAASRGHLDIVEVLLKHGADVNAQDKFGKTAFDISIDNGNEDLAEILQKLN
;
_entity_poly.pdbx_strand_id   A,B,C,D,E,F,G,H
#
# COMPACT_ATOMS: atom_id res chain seq x y z
N ASP A 13 28.77 -8.22 30.04
CA ASP A 13 27.43 -8.76 30.36
C ASP A 13 26.55 -7.59 30.81
N LEU A 14 27.17 -6.52 31.31
CA LEU A 14 26.39 -5.31 31.68
C LEU A 14 25.72 -4.76 30.42
N GLY A 15 26.45 -4.69 29.31
CA GLY A 15 25.87 -4.24 28.03
C GLY A 15 24.68 -5.10 27.65
N LYS A 16 24.85 -6.42 27.70
CA LYS A 16 23.77 -7.36 27.35
C LYS A 16 22.57 -7.13 28.27
N LYS A 17 22.83 -6.96 29.57
CA LYS A 17 21.76 -6.73 30.56
C LYS A 17 21.07 -5.38 30.28
N LEU A 18 21.84 -4.36 29.91
CA LEU A 18 21.25 -3.04 29.57
C LEU A 18 20.43 -3.18 28.28
N LEU A 19 20.98 -3.84 27.27
CA LEU A 19 20.22 -4.08 26.05
C LEU A 19 18.87 -4.75 26.34
N GLU A 20 18.88 -5.81 27.20
CA GLU A 20 17.67 -6.51 27.60
C GLU A 20 16.72 -5.60 28.37
N ALA A 21 17.25 -4.77 29.30
CA ALA A 21 16.43 -3.84 30.08
C ALA A 21 15.75 -2.81 29.20
N ALA A 22 16.50 -2.27 28.21
CA ALA A 22 15.99 -1.30 27.25
C ALA A 22 14.90 -1.93 26.39
N ARG A 23 15.11 -3.16 25.94
CA ARG A 23 14.05 -3.87 25.17
C ARG A 23 12.82 -4.08 26.05
N ALA A 24 13.00 -4.50 27.29
CA ALA A 24 11.88 -4.79 28.19
C ALA A 24 11.23 -3.55 28.85
N GLY A 25 11.87 -2.40 28.76
CA GLY A 25 11.33 -1.18 29.38
C GLY A 25 11.52 -1.19 30.89
N GLN A 26 12.68 -1.65 31.35
CA GLN A 26 12.92 -1.80 32.80
C GLN A 26 13.71 -0.61 33.33
N ASP A 27 12.99 0.44 33.72
CA ASP A 27 13.62 1.67 34.26
C ASP A 27 14.58 1.34 35.40
N ASP A 28 14.11 0.58 36.38
CA ASP A 28 14.96 0.29 37.57
C ASP A 28 16.23 -0.44 37.13
N GLU A 29 16.13 -1.36 36.17
CA GLU A 29 17.32 -2.12 35.73
C GLU A 29 18.26 -1.15 35.03
N VAL A 30 17.73 -0.32 34.13
CA VAL A 30 18.57 0.67 33.39
C VAL A 30 19.38 1.53 34.37
N ARG A 31 18.70 2.02 35.40
CA ARG A 31 19.30 2.84 36.45
C ARG A 31 20.48 2.17 37.13
N ILE A 32 20.31 0.93 37.64
CA ILE A 32 21.36 0.23 38.36
C ILE A 32 22.51 -0.12 37.48
N LEU A 33 22.23 -0.59 36.25
CA LEU A 33 23.27 -0.96 35.31
C LEU A 33 24.09 0.27 34.92
N MET A 34 23.41 1.41 34.69
CA MET A 34 24.14 2.65 34.39
C MET A 34 25.06 3.09 35.55
N ALA A 35 24.58 2.96 36.79
CA ALA A 35 25.41 3.29 37.96
C ALA A 35 26.60 2.33 38.14
N ASN A 36 26.54 1.18 37.48
CA ASN A 36 27.62 0.17 37.65
C ASN A 36 28.59 0.16 36.45
N GLY A 37 28.52 1.16 35.57
CA GLY A 37 29.55 1.28 34.51
C GLY A 37 29.16 0.69 33.17
N ALA A 38 27.87 0.46 32.96
CA ALA A 38 27.41 -0.07 31.67
C ALA A 38 27.60 0.99 30.58
N ASP A 39 27.68 0.54 29.33
CA ASP A 39 27.84 1.45 28.19
C ASP A 39 26.45 1.72 27.60
N VAL A 40 26.06 2.98 27.59
CA VAL A 40 24.73 3.37 27.02
C VAL A 40 24.74 3.06 25.52
N ASN A 41 25.94 2.93 24.94
CA ASN A 41 26.07 2.66 23.49
C ASN A 41 26.51 1.22 23.26
N ALA A 42 26.16 0.34 24.20
CA ALA A 42 26.46 -1.09 24.04
C ALA A 42 25.75 -1.62 22.81
N LYS A 43 26.43 -2.51 22.08
CA LYS A 43 25.84 -3.02 20.82
C LYS A 43 25.61 -4.53 20.91
N ASP A 44 24.46 -4.99 20.44
CA ASP A 44 24.20 -6.45 20.35
C ASP A 44 24.82 -6.99 19.05
N ARG A 45 24.58 -8.25 18.72
CA ARG A 45 25.18 -8.92 17.54
C ARG A 45 24.73 -8.26 16.23
N TYR A 46 23.68 -7.45 16.27
CA TYR A 46 23.12 -6.80 15.07
C TYR A 46 23.34 -5.28 15.07
N GLY A 47 24.23 -4.79 15.94
CA GLY A 47 24.51 -3.33 16.00
C GLY A 47 23.40 -2.54 16.65
N ASN A 48 22.46 -3.24 17.29
CA ASN A 48 21.40 -2.54 18.05
C ASN A 48 21.97 -1.98 19.35
N THR A 49 21.68 -0.73 19.65
CA THR A 49 22.05 -0.08 20.92
C THR A 49 20.78 -0.05 21.79
N PRO A 50 20.87 0.20 23.11
CA PRO A 50 19.70 0.24 23.95
C PRO A 50 18.68 1.23 23.39
N LEU A 51 19.16 2.35 22.86
CA LEU A 51 18.26 3.37 22.27
C LEU A 51 17.47 2.75 21.11
N HIS A 52 18.14 1.98 20.26
CA HIS A 52 17.45 1.27 19.15
C HIS A 52 16.30 0.44 19.70
N LEU A 53 16.59 -0.44 20.65
CA LEU A 53 15.56 -1.39 21.14
C LEU A 53 14.43 -0.64 21.86
N ALA A 54 14.77 0.35 22.68
CA ALA A 54 13.75 1.14 23.42
C ALA A 54 12.86 1.86 22.41
N ALA A 55 13.47 2.47 21.40
CA ALA A 55 12.74 3.17 20.33
C ALA A 55 11.85 2.18 19.58
N TYR A 56 12.41 1.03 19.21
CA TYR A 56 11.64 0.00 18.48
C TYR A 56 10.46 -0.49 19.33
N MET A 57 10.68 -0.75 20.63
CA MET A 57 9.63 -1.35 21.51
C MET A 57 8.60 -0.33 22.02
N GLY A 58 8.83 0.98 21.83
CA GLY A 58 7.87 2.01 22.28
C GLY A 58 8.07 2.45 23.72
N HIS A 59 9.28 2.33 24.25
CA HIS A 59 9.55 2.69 25.67
C HIS A 59 10.01 4.14 25.73
N LEU A 60 9.06 5.07 25.73
CA LEU A 60 9.38 6.52 25.67
C LEU A 60 10.30 6.95 26.82
N GLU A 61 9.90 6.67 28.06
CA GLU A 61 10.68 7.10 29.24
C GLU A 61 12.09 6.52 29.17
N ILE A 62 12.21 5.28 28.69
CA ILE A 62 13.57 4.68 28.54
C ILE A 62 14.33 5.46 27.48
N VAL A 63 13.67 5.79 26.37
CA VAL A 63 14.31 6.57 25.27
C VAL A 63 14.83 7.87 25.87
N GLU A 64 14.00 8.57 26.66
CA GLU A 64 14.38 9.86 27.28
C GLU A 64 15.62 9.69 28.18
N VAL A 65 15.61 8.71 29.08
CA VAL A 65 16.73 8.56 30.05
C VAL A 65 18.00 8.13 29.31
N LEU A 66 17.85 7.31 28.28
CA LEU A 66 19.03 6.82 27.52
C LEU A 66 19.71 8.03 26.87
N LEU A 67 18.91 8.96 26.37
CA LEU A 67 19.46 10.18 25.73
C LEU A 67 20.14 11.04 26.79
N LYS A 68 19.54 11.15 27.97
CA LYS A 68 20.19 11.90 29.09
C LYS A 68 21.50 11.23 29.44
N TYR A 69 21.58 9.91 29.30
CA TYR A 69 22.80 9.15 29.66
C TYR A 69 23.91 9.29 28.61
N GLY A 70 23.57 9.85 27.45
CA GLY A 70 24.58 10.05 26.39
C GLY A 70 24.44 9.07 25.24
N ALA A 71 23.24 8.55 25.02
CA ALA A 71 22.99 7.64 23.89
C ALA A 71 23.20 8.35 22.56
N ASP A 72 23.92 7.71 21.63
CA ASP A 72 24.12 8.24 20.26
C ASP A 72 22.79 8.16 19.52
N VAL A 73 22.14 9.30 19.34
CA VAL A 73 20.79 9.34 18.71
C VAL A 73 20.88 8.87 17.26
N ASN A 74 22.07 8.88 16.67
CA ASN A 74 22.16 8.52 15.23
C ASN A 74 23.01 7.25 15.07
N ALA A 75 23.04 6.41 16.10
CA ALA A 75 23.75 5.13 16.00
C ALA A 75 23.06 4.27 14.95
N MET A 76 23.82 3.42 14.28
CA MET A 76 23.24 2.63 13.17
C MET A 76 23.38 1.14 13.43
N ASP A 77 22.32 0.39 13.13
CA ASP A 77 22.40 -1.09 13.23
C ASP A 77 23.18 -1.61 12.02
N HIS A 78 23.18 -2.93 11.82
CA HIS A 78 23.89 -3.55 10.67
C HIS A 78 23.24 -3.17 9.33
N TRP A 79 22.03 -2.63 9.34
CA TRP A 79 21.33 -2.24 8.09
C TRP A 79 21.21 -0.71 7.97
N GLY A 80 22.06 0.05 8.68
CA GLY A 80 22.08 1.50 8.61
C GLY A 80 20.83 2.17 9.17
N ARG A 81 20.05 1.46 9.98
CA ARG A 81 18.88 2.05 10.61
C ARG A 81 19.28 2.64 11.93
N THR A 82 18.78 3.83 12.17
CA THR A 82 18.94 4.57 13.40
C THR A 82 17.64 4.41 14.20
N PRO A 83 17.63 4.83 15.47
CA PRO A 83 16.39 4.70 16.25
C PRO A 83 15.21 5.40 15.61
N LEU A 84 15.44 6.47 14.85
CA LEU A 84 14.36 7.20 14.16
C LEU A 84 13.70 6.29 13.14
N HIS A 85 14.49 5.47 12.42
CA HIS A 85 14.00 4.51 11.44
C HIS A 85 13.17 3.44 12.15
N LEU A 86 13.66 2.93 13.29
CA LEU A 86 12.92 1.89 14.02
C LEU A 86 11.65 2.41 14.64
N ALA A 87 11.70 3.62 15.21
CA ALA A 87 10.53 4.22 15.83
C ALA A 87 9.47 4.51 14.76
N ALA A 88 9.90 5.01 13.59
CA ALA A 88 8.97 5.27 12.48
C ALA A 88 8.38 3.96 11.98
N SER A 89 9.21 2.92 11.83
CA SER A 89 8.72 1.60 11.39
C SER A 89 7.68 1.02 12.31
N ARG A 90 7.80 1.26 13.63
CA ARG A 90 6.82 0.76 14.58
C ARG A 90 5.68 1.73 14.91
N GLY A 91 5.66 2.89 14.24
CA GLY A 91 4.64 3.91 14.39
C GLY A 91 4.62 4.62 15.74
N HIS A 92 5.80 4.79 16.36
CA HIS A 92 5.86 5.45 17.68
C HIS A 92 6.13 6.92 17.51
N LEU A 93 5.07 7.74 17.30
CA LEU A 93 5.20 9.18 17.04
C LEU A 93 5.82 9.99 18.19
N ASP A 94 5.50 9.66 19.45
CA ASP A 94 6.08 10.37 20.59
C ASP A 94 7.61 10.19 20.62
N ILE A 95 8.06 8.98 20.36
CA ILE A 95 9.49 8.66 20.36
C ILE A 95 10.18 9.40 19.24
N VAL A 96 9.56 9.44 18.05
CA VAL A 96 10.11 10.15 16.90
C VAL A 96 10.30 11.64 17.24
N GLU A 97 9.28 12.28 17.87
CA GLU A 97 9.39 13.68 18.27
C GLU A 97 10.55 13.90 19.23
N VAL A 98 10.73 12.99 20.21
CA VAL A 98 11.84 13.09 21.18
C VAL A 98 13.19 12.97 20.46
N LEU A 99 13.32 11.95 19.59
CA LEU A 99 14.56 11.74 18.82
C LEU A 99 14.87 12.95 17.95
N LEU A 100 13.87 13.54 17.28
CA LEU A 100 14.10 14.73 16.46
C LEU A 100 14.59 15.91 17.32
N LYS A 101 13.94 16.14 18.47
CA LYS A 101 14.37 17.21 19.36
C LYS A 101 15.81 17.01 19.88
N HIS A 102 16.31 15.77 19.85
CA HIS A 102 17.67 15.49 20.29
C HIS A 102 18.68 15.28 19.17
N GLY A 103 18.38 15.82 17.99
CA GLY A 103 19.31 15.78 16.88
C GLY A 103 19.28 14.58 15.95
N ALA A 104 18.17 13.87 15.88
CA ALA A 104 18.05 12.76 14.90
C ALA A 104 18.20 13.28 13.47
N ASP A 105 18.93 12.55 12.63
CA ASP A 105 19.14 12.95 11.21
C ASP A 105 17.97 12.45 10.35
N VAL A 106 17.07 13.36 9.97
CA VAL A 106 15.86 12.99 9.19
C VAL A 106 16.24 12.56 7.77
N ASN A 107 17.49 12.75 7.36
CA ASN A 107 17.87 12.46 5.94
C ASN A 107 18.78 11.23 5.89
N ALA A 108 19.01 10.61 7.03
CA ALA A 108 19.83 9.38 7.05
C ALA A 108 19.11 8.27 6.27
N GLN A 109 19.82 7.63 5.37
CA GLN A 109 19.24 6.54 4.55
C GLN A 109 19.87 5.22 4.99
N ASP A 110 19.05 4.19 5.17
CA ASP A 110 19.56 2.87 5.62
C ASP A 110 20.19 2.13 4.45
N LYS A 111 20.49 0.86 4.66
CA LYS A 111 21.19 0.06 3.61
C LYS A 111 20.20 -0.30 2.49
N PHE A 112 18.95 0.10 2.63
CA PHE A 112 17.96 -0.12 1.56
C PHE A 112 17.61 1.24 0.92
N GLY A 113 18.34 2.29 1.30
CA GLY A 113 18.11 3.63 0.72
C GLY A 113 16.92 4.35 1.31
N LYS A 114 16.36 3.84 2.40
CA LYS A 114 15.11 4.45 2.94
C LYS A 114 15.36 5.42 4.09
N THR A 115 14.54 6.47 4.18
CA THR A 115 14.61 7.39 5.33
C THR A 115 13.39 7.08 6.21
N ALA A 116 13.32 7.66 7.40
CA ALA A 116 12.18 7.43 8.30
C ALA A 116 10.90 7.91 7.61
N PHE A 117 11.01 8.99 6.84
CA PHE A 117 9.83 9.48 6.07
C PHE A 117 9.39 8.40 5.08
N ASP A 118 10.34 7.75 4.40
CA ASP A 118 10.02 6.66 3.43
C ASP A 118 9.28 5.55 4.17
N ILE A 119 9.77 5.15 5.35
CA ILE A 119 9.16 4.04 6.13
C ILE A 119 7.73 4.45 6.51
N SER A 120 7.56 5.71 6.88
CA SER A 120 6.23 6.23 7.31
C SER A 120 5.26 6.21 6.12
N ILE A 121 5.76 6.52 4.93
CA ILE A 121 4.91 6.48 3.71
C ILE A 121 4.53 5.02 3.45
N ASP A 122 5.48 4.12 3.59
CA ASP A 122 5.23 2.69 3.27
C ASP A 122 4.15 2.11 4.18
N ASN A 123 4.05 2.57 5.42
CA ASN A 123 3.11 1.96 6.40
C ASN A 123 1.82 2.77 6.53
N GLY A 124 1.66 3.82 5.73
CA GLY A 124 0.46 4.66 5.77
C GLY A 124 0.39 5.60 6.98
N ASN A 125 1.51 5.83 7.67
CA ASN A 125 1.49 6.67 8.89
C ASN A 125 1.46 8.14 8.50
N GLU A 126 0.27 8.66 8.17
CA GLU A 126 0.14 10.07 7.72
C GLU A 126 0.61 11.02 8.83
N ASP A 127 0.29 10.71 10.09
CA ASP A 127 0.67 11.58 11.23
C ASP A 127 2.19 11.70 11.33
N LEU A 128 2.92 10.60 11.19
CA LEU A 128 4.39 10.63 11.37
C LEU A 128 5.03 11.25 10.13
N ALA A 129 4.43 11.02 8.97
CA ALA A 129 4.96 11.59 7.72
C ALA A 129 4.94 13.10 7.84
N GLU A 130 3.84 13.65 8.34
CA GLU A 130 3.70 15.11 8.49
C GLU A 130 4.85 15.64 9.36
N ILE A 131 5.11 14.96 10.47
CA ILE A 131 6.15 15.43 11.45
C ILE A 131 7.53 15.32 10.84
N LEU A 132 7.76 14.34 9.98
CA LEU A 132 9.11 14.10 9.43
C LEU A 132 9.42 15.06 8.28
N GLN A 133 8.38 15.62 7.66
CA GLN A 133 8.59 16.55 6.52
C GLN A 133 8.45 18.00 7.01
N LYS A 134 7.95 18.20 8.23
CA LYS A 134 7.87 19.58 8.79
C LYS A 134 9.23 20.27 8.68
N ASP B 13 1.11 3.08 29.84
CA ASP B 13 -0.26 2.63 30.19
C ASP B 13 -1.09 3.86 30.55
N LEU B 14 -0.43 4.89 31.08
CA LEU B 14 -1.14 6.15 31.41
C LEU B 14 -1.82 6.69 30.15
N GLY B 15 -1.09 6.73 29.04
CA GLY B 15 -1.67 7.20 27.76
C GLY B 15 -2.84 6.34 27.34
N LYS B 16 -2.65 5.03 27.38
CA LYS B 16 -3.73 4.09 27.01
C LYS B 16 -4.92 4.32 27.94
N LYS B 17 -4.64 4.53 29.23
CA LYS B 17 -5.73 4.74 30.22
C LYS B 17 -6.39 6.09 30.00
N LEU B 18 -5.63 7.10 29.58
CA LEU B 18 -6.22 8.42 29.26
C LEU B 18 -7.09 8.30 28.01
N LEU B 19 -6.59 7.63 26.98
CA LEU B 19 -7.34 7.45 25.72
C LEU B 19 -8.67 6.75 26.02
N GLU B 20 -8.62 5.70 26.84
CA GLU B 20 -9.84 4.94 27.22
C GLU B 20 -10.80 5.87 27.97
N ALA B 21 -10.27 6.68 28.89
CA ALA B 21 -11.10 7.61 29.67
C ALA B 21 -11.77 8.64 28.75
N ALA B 22 -11.03 9.13 27.76
CA ALA B 22 -11.57 10.15 26.83
C ALA B 22 -12.67 9.52 25.99
N ARG B 23 -12.46 8.29 25.56
CA ARG B 23 -13.49 7.59 24.78
C ARG B 23 -14.74 7.37 25.64
N ALA B 24 -14.55 7.02 26.91
CA ALA B 24 -15.71 6.69 27.77
C ALA B 24 -16.30 7.94 28.45
N GLY B 25 -15.65 9.09 28.32
CA GLY B 25 -16.15 10.32 28.95
C GLY B 25 -15.97 10.32 30.45
N GLN B 26 -14.83 9.82 30.94
CA GLN B 26 -14.61 9.70 32.41
C GLN B 26 -13.78 10.88 32.91
N ASP B 27 -14.45 11.94 33.35
CA ASP B 27 -13.76 13.17 33.83
C ASP B 27 -12.82 12.87 35.00
N ASP B 28 -13.27 12.05 35.96
CA ASP B 28 -12.46 11.75 37.15
C ASP B 28 -11.17 11.03 36.72
N GLU B 29 -11.30 10.09 35.78
CA GLU B 29 -10.12 9.33 35.32
C GLU B 29 -9.13 10.29 34.61
N VAL B 30 -9.65 11.13 33.73
CA VAL B 30 -8.79 12.12 33.01
C VAL B 30 -8.02 12.94 34.04
N ARG B 31 -8.72 13.49 35.04
CA ARG B 31 -8.09 14.36 36.04
C ARG B 31 -6.91 13.67 36.70
N ILE B 32 -7.10 12.47 37.21
CA ILE B 32 -5.99 11.82 37.99
C ILE B 32 -4.86 11.40 37.06
N LEU B 33 -5.20 10.94 35.86
CA LEU B 33 -4.17 10.50 34.88
C LEU B 33 -3.32 11.72 34.53
N MET B 34 -3.97 12.83 34.22
CA MET B 34 -3.25 14.08 33.86
C MET B 34 -2.39 14.50 35.05
N ALA B 35 -2.95 14.41 36.26
CA ALA B 35 -2.19 14.80 37.46
C ALA B 35 -1.00 13.85 37.67
N ASN B 36 -1.05 12.65 37.09
CA ASN B 36 0.02 11.65 37.30
C ASN B 36 1.00 11.61 36.13
N GLY B 37 0.93 12.58 35.23
CA GLY B 37 1.96 12.67 34.17
C GLY B 37 1.58 12.10 32.81
N ALA B 38 0.30 11.89 32.59
CA ALA B 38 -0.16 11.36 31.29
C ALA B 38 0.07 12.39 30.19
N ASP B 39 0.31 11.90 28.98
CA ASP B 39 0.56 12.80 27.85
C ASP B 39 -0.79 13.11 27.29
N VAL B 40 -1.20 14.38 27.29
CA VAL B 40 -2.50 14.79 26.73
C VAL B 40 -2.61 14.46 25.21
N ASN B 41 -1.47 14.27 24.54
CA ASN B 41 -1.44 13.94 23.12
C ASN B 41 -1.00 12.49 22.91
N ALA B 42 -1.21 11.59 23.89
CA ALA B 42 -0.89 10.16 23.70
C ALA B 42 -1.67 9.59 22.52
N LYS B 43 -1.07 8.68 21.77
CA LYS B 43 -1.71 8.15 20.59
C LYS B 43 -1.99 6.65 20.67
N ASP B 44 -3.18 6.22 20.22
CA ASP B 44 -3.47 4.80 20.14
C ASP B 44 -2.85 4.23 18.84
N ARG B 45 -3.10 2.96 18.52
CA ARG B 45 -2.49 2.30 17.33
C ARG B 45 -2.88 3.00 16.02
N TYR B 46 -3.98 3.75 16.02
CA TYR B 46 -4.42 4.43 14.80
C TYR B 46 -4.08 5.93 14.78
N GLY B 47 -3.25 6.40 15.70
CA GLY B 47 -2.90 7.81 15.77
C GLY B 47 -3.98 8.68 16.41
N ASN B 48 -5.05 8.06 16.98
CA ASN B 48 -6.05 8.88 17.68
C ASN B 48 -5.44 9.37 18.96
N THR B 49 -5.60 10.66 19.26
CA THR B 49 -5.21 11.23 20.55
C THR B 49 -6.48 11.25 21.43
N PRO B 50 -6.38 11.56 22.74
CA PRO B 50 -7.60 11.63 23.55
C PRO B 50 -8.64 12.63 23.01
N LEU B 51 -8.20 13.76 22.41
CA LEU B 51 -9.12 14.75 21.84
C LEU B 51 -9.89 14.18 20.69
N HIS B 52 -9.21 13.41 19.83
CA HIS B 52 -9.85 12.70 18.71
C HIS B 52 -10.98 11.81 19.23
N LEU B 53 -10.67 10.97 20.25
CA LEU B 53 -11.68 10.06 20.77
C LEU B 53 -12.85 10.77 21.44
N ALA B 54 -12.60 11.86 22.22
CA ALA B 54 -13.69 12.59 22.87
C ALA B 54 -14.56 13.34 21.88
N ALA B 55 -13.92 13.87 20.81
CA ALA B 55 -14.65 14.59 19.76
C ALA B 55 -15.49 13.59 18.98
N TYR B 56 -14.93 12.41 18.65
CA TYR B 56 -15.71 11.40 17.94
C TYR B 56 -16.89 10.88 18.81
N MET B 57 -16.65 10.61 20.11
CA MET B 57 -17.69 10.06 20.98
C MET B 57 -18.74 11.05 21.47
N GLY B 58 -18.52 12.34 21.27
CA GLY B 58 -19.48 13.35 21.69
C GLY B 58 -19.37 13.80 23.13
N HIS B 59 -18.18 13.69 23.74
CA HIS B 59 -18.01 14.10 25.14
C HIS B 59 -17.51 15.53 25.18
N LEU B 60 -18.43 16.50 25.14
CA LEU B 60 -18.10 17.93 25.11
C LEU B 60 -17.20 18.38 26.24
N GLU B 61 -17.55 18.05 27.48
CA GLU B 61 -16.79 18.44 28.66
C GLU B 61 -15.38 17.84 28.61
N ILE B 62 -15.21 16.64 28.06
CA ILE B 62 -13.87 16.05 27.94
C ILE B 62 -13.06 16.80 26.88
N VAL B 63 -13.70 17.19 25.77
CA VAL B 63 -13.05 17.96 24.69
C VAL B 63 -12.56 19.30 25.28
N GLU B 64 -13.40 19.94 26.09
CA GLU B 64 -13.10 21.20 26.74
C GLU B 64 -11.94 21.08 27.70
N VAL B 65 -11.93 20.05 28.57
CA VAL B 65 -10.85 19.91 29.52
C VAL B 65 -9.57 19.50 28.82
N LEU B 66 -9.64 18.64 27.77
CA LEU B 66 -8.43 18.23 27.07
C LEU B 66 -7.76 19.44 26.41
N LEU B 67 -8.57 20.36 25.86
CA LEU B 67 -8.01 21.58 25.25
C LEU B 67 -7.36 22.44 26.34
N LYS B 68 -7.98 22.54 27.52
CA LYS B 68 -7.37 23.27 28.63
C LYS B 68 -6.04 22.63 29.04
N TYR B 69 -5.91 21.29 28.91
CA TYR B 69 -4.67 20.60 29.24
C TYR B 69 -3.56 20.73 28.19
N GLY B 70 -3.84 21.38 27.06
CA GLY B 70 -2.86 21.53 26.01
C GLY B 70 -2.98 20.56 24.86
N ALA B 71 -4.17 19.95 24.64
CA ALA B 71 -4.39 19.02 23.53
C ALA B 71 -4.11 19.72 22.19
N ASP B 72 -3.41 19.05 21.27
CA ASP B 72 -3.11 19.61 19.95
C ASP B 72 -4.42 19.52 19.18
N VAL B 73 -5.08 20.65 18.99
CA VAL B 73 -6.36 20.73 18.29
C VAL B 73 -6.27 20.24 16.83
N ASN B 74 -5.07 20.29 16.22
CA ASN B 74 -4.90 19.85 14.84
C ASN B 74 -4.12 18.55 14.72
N ALA B 75 -4.21 17.69 15.75
CA ALA B 75 -3.57 16.39 15.73
C ALA B 75 -4.20 15.55 14.65
N MET B 76 -3.40 14.73 13.99
CA MET B 76 -3.91 13.89 12.91
C MET B 76 -3.83 12.44 13.26
N ASP B 77 -4.83 11.70 12.85
CA ASP B 77 -4.83 10.25 13.02
C ASP B 77 -4.04 9.59 11.81
N HIS B 78 -4.12 8.27 11.68
CA HIS B 78 -3.39 7.56 10.60
CA HIS B 78 -3.39 7.59 10.57
C HIS B 78 -3.88 7.93 9.14
N TRP B 79 -5.10 8.43 9.11
CA TRP B 79 -5.68 8.82 7.85
C TRP B 79 -5.75 10.35 7.67
N GLY B 80 -4.95 11.12 8.40
CA GLY B 80 -4.92 12.58 8.24
C GLY B 80 -6.14 13.32 8.74
N ARG B 81 -6.99 12.64 9.51
CA ARG B 81 -8.19 13.28 10.09
C ARG B 81 -7.86 13.93 11.43
N THR B 82 -8.30 15.16 11.61
CA THR B 82 -8.12 15.91 12.87
C THR B 82 -9.40 15.71 13.69
N PRO B 83 -9.41 16.13 14.97
CA PRO B 83 -10.65 16.03 15.75
C PRO B 83 -11.85 16.71 15.11
N LEU B 84 -11.62 17.78 14.34
CA LEU B 84 -12.70 18.50 13.66
C LEU B 84 -13.35 17.60 12.63
N HIS B 85 -12.55 16.79 11.90
CA HIS B 85 -13.14 15.84 10.93
C HIS B 85 -14.01 14.83 11.64
N LEU B 86 -13.55 14.31 12.79
CA LEU B 86 -14.32 13.28 13.52
C LEU B 86 -15.61 13.84 14.11
N ALA B 87 -15.57 15.02 14.74
CA ALA B 87 -16.76 15.64 15.32
C ALA B 87 -17.79 15.94 14.21
N ALA B 88 -17.30 16.40 13.04
CA ALA B 88 -18.17 16.67 11.88
C ALA B 88 -18.77 15.38 11.36
N SER B 89 -17.98 14.32 11.29
CA SER B 89 -18.48 12.99 10.84
C SER B 89 -19.64 12.52 11.73
N ARG B 90 -19.54 12.71 13.04
CA ARG B 90 -20.58 12.27 13.95
C ARG B 90 -21.69 13.29 14.22
N GLY B 91 -21.63 14.45 13.56
CA GLY B 91 -22.64 15.49 13.70
C GLY B 91 -22.69 16.16 15.07
N HIS B 92 -21.51 16.32 15.69
CA HIS B 92 -21.41 16.95 17.03
C HIS B 92 -21.12 18.44 16.89
N LEU B 93 -22.15 19.27 16.76
CA LEU B 93 -21.97 20.73 16.49
C LEU B 93 -21.34 21.51 17.66
N ASP B 94 -21.73 21.21 18.89
CA ASP B 94 -21.11 21.86 20.07
C ASP B 94 -19.60 21.64 20.04
N ILE B 95 -19.19 20.39 19.90
CA ILE B 95 -17.76 20.09 19.89
C ILE B 95 -17.08 20.81 18.73
N VAL B 96 -17.72 20.85 17.55
CA VAL B 96 -17.17 21.53 16.38
C VAL B 96 -16.85 23.01 16.69
N GLU B 97 -17.82 23.73 17.27
CA GLU B 97 -17.67 25.14 17.66
C GLU B 97 -16.50 25.32 18.62
N VAL B 98 -16.37 24.42 19.62
CA VAL B 98 -15.29 24.50 20.61
C VAL B 98 -13.94 24.32 19.92
N LEU B 99 -13.87 23.37 18.97
CA LEU B 99 -12.62 23.16 18.22
C LEU B 99 -12.29 24.38 17.39
N LEU B 100 -13.31 24.99 16.76
CA LEU B 100 -13.14 26.19 15.94
C LEU B 100 -12.62 27.37 16.77
N LYS B 101 -13.11 27.54 17.99
CA LYS B 101 -12.62 28.63 18.86
C LYS B 101 -11.15 28.39 19.22
N HIS B 102 -10.78 27.14 19.43
CA HIS B 102 -9.42 26.82 19.86
C HIS B 102 -8.44 26.59 18.72
N GLY B 103 -8.73 27.14 17.55
CA GLY B 103 -7.82 27.10 16.42
C GLY B 103 -7.88 25.93 15.44
N ALA B 104 -9.01 25.20 15.35
CA ALA B 104 -9.09 24.07 14.39
C ALA B 104 -8.92 24.57 12.96
N ASP B 105 -8.15 23.83 12.16
CA ASP B 105 -7.87 24.23 10.79
C ASP B 105 -9.02 23.75 9.93
N VAL B 106 -9.95 24.65 9.53
CA VAL B 106 -11.10 24.25 8.71
C VAL B 106 -10.75 23.82 7.30
N ASN B 107 -9.54 24.10 6.83
CA ASN B 107 -9.16 23.71 5.47
C ASN B 107 -8.30 22.45 5.44
N ALA B 108 -8.12 21.76 6.59
CA ALA B 108 -7.33 20.54 6.63
C ALA B 108 -8.04 19.47 5.82
N GLN B 109 -7.30 18.82 4.92
CA GLN B 109 -7.80 17.75 4.09
C GLN B 109 -7.15 16.46 4.55
N ASP B 110 -7.97 15.42 4.78
CA ASP B 110 -7.46 14.13 5.25
C ASP B 110 -6.84 13.30 4.08
N LYS B 111 -6.48 12.04 4.33
CA LYS B 111 -5.90 11.15 3.34
C LYS B 111 -6.80 10.97 2.11
N PHE B 112 -8.10 11.16 2.26
CA PHE B 112 -9.06 11.01 1.18
C PHE B 112 -9.41 12.35 0.49
N GLY B 113 -8.69 13.42 0.84
CA GLY B 113 -8.90 14.75 0.27
C GLY B 113 -10.09 15.50 0.82
N LYS B 114 -10.69 15.01 1.91
CA LYS B 114 -11.84 15.66 2.50
C LYS B 114 -11.56 16.63 3.68
N THR B 115 -12.39 17.67 3.76
CA THR B 115 -12.38 18.62 4.86
C THR B 115 -13.62 18.28 5.75
N ALA B 116 -13.73 18.87 6.94
CA ALA B 116 -14.87 18.69 7.82
C ALA B 116 -16.15 19.19 7.12
N PHE B 117 -16.04 20.20 6.25
CA PHE B 117 -17.24 20.68 5.51
C PHE B 117 -17.73 19.59 4.55
N ASP B 118 -16.79 18.99 3.81
CA ASP B 118 -17.15 17.92 2.85
C ASP B 118 -17.91 16.81 3.57
N ILE B 119 -17.40 16.38 4.72
CA ILE B 119 -18.06 15.29 5.50
C ILE B 119 -19.46 15.75 5.89
N SER B 120 -19.57 16.92 6.52
CA SER B 120 -20.87 17.46 6.96
C SER B 120 -21.87 17.40 5.81
N ILE B 121 -21.43 17.80 4.62
CA ILE B 121 -22.32 17.80 3.43
C ILE B 121 -22.71 16.35 3.13
N ASP B 122 -21.72 15.48 3.00
CA ASP B 122 -21.99 14.06 2.67
C ASP B 122 -23.00 13.47 3.64
N ASN B 123 -23.14 14.02 4.84
CA ASN B 123 -24.01 13.42 5.89
C ASN B 123 -25.32 14.18 6.09
N GLY B 124 -25.56 15.22 5.30
CA GLY B 124 -26.78 16.02 5.46
C GLY B 124 -26.77 16.94 6.67
N ASN B 125 -25.75 16.89 7.53
CA ASN B 125 -25.68 17.86 8.66
C ASN B 125 -25.69 19.28 8.10
N GLU B 126 -26.88 19.80 7.77
CA GLU B 126 -27.03 21.17 7.23
C GLU B 126 -26.58 22.21 8.24
N ASP B 127 -27.10 22.11 9.46
CA ASP B 127 -26.70 23.03 10.54
C ASP B 127 -25.17 23.16 10.60
N LEU B 128 -24.44 22.04 10.62
CA LEU B 128 -22.96 22.09 10.83
C LEU B 128 -22.24 22.69 9.61
N ALA B 129 -22.69 22.36 8.40
CA ALA B 129 -22.11 22.97 7.19
C ALA B 129 -22.10 24.49 7.33
N GLU B 130 -23.21 25.04 7.83
CA GLU B 130 -23.32 26.51 8.03
C GLU B 130 -22.25 26.98 9.00
N ILE B 131 -22.13 26.30 10.15
CA ILE B 131 -21.10 26.67 11.16
C ILE B 131 -19.71 26.64 10.51
N LEU B 132 -19.49 25.67 9.61
CA LEU B 132 -18.19 25.57 8.91
C LEU B 132 -18.14 26.65 7.84
N GLN B 133 -19.27 27.28 7.54
CA GLN B 133 -19.31 28.42 6.59
C GLN B 133 -18.82 27.98 5.21
N ASP C 13 5.39 35.73 0.00
CA ASP C 13 5.24 34.88 -1.20
C ASP C 13 3.87 35.17 -1.81
N LEU C 14 3.85 35.55 -3.08
CA LEU C 14 2.59 35.93 -3.75
C LEU C 14 1.68 34.71 -3.94
N GLY C 15 2.27 33.53 -4.12
CA GLY C 15 1.47 32.31 -4.36
C GLY C 15 0.51 32.02 -3.23
N LYS C 16 1.00 32.07 -1.99
CA LYS C 16 0.14 31.79 -0.81
C LYS C 16 -0.98 32.83 -0.77
N LYS C 17 -0.65 34.09 -1.01
CA LYS C 17 -1.66 35.18 -0.94
C LYS C 17 -2.69 34.98 -2.06
N LEU C 18 -2.23 34.50 -3.21
CA LEU C 18 -3.12 34.25 -4.37
C LEU C 18 -4.09 33.13 -3.98
N LEU C 19 -3.57 32.05 -3.40
CA LEU C 19 -4.42 30.91 -2.98
C LEU C 19 -5.46 31.42 -1.98
N GLU C 20 -5.03 32.17 -0.96
CA GLU C 20 -5.96 32.70 0.06
C GLU C 20 -6.99 33.63 -0.59
N ALA C 21 -6.57 34.48 -1.52
CA ALA C 21 -7.49 35.44 -2.17
C ALA C 21 -8.53 34.67 -2.99
N ALA C 22 -8.10 33.64 -3.69
CA ALA C 22 -9.00 32.88 -4.58
C ALA C 22 -10.04 32.12 -3.77
N ARG C 23 -9.63 31.63 -2.60
N ARG C 23 -9.63 31.63 -2.60
CA ARG C 23 -10.56 30.85 -1.74
CA ARG C 23 -10.56 30.85 -1.74
C ARG C 23 -11.54 31.79 -1.02
C ARG C 23 -11.53 31.80 -1.03
N ALA C 24 -11.06 32.99 -0.67
CA ALA C 24 -11.91 33.97 0.05
C ALA C 24 -12.82 34.72 -0.90
N GLY C 25 -12.61 34.57 -2.20
CA GLY C 25 -13.45 35.22 -3.19
C GLY C 25 -13.14 36.69 -3.35
N GLN C 26 -11.87 37.06 -3.20
CA GLN C 26 -11.47 38.47 -3.29
C GLN C 26 -10.97 38.81 -4.68
N ASP C 27 -11.92 39.02 -5.59
CA ASP C 27 -11.65 39.27 -7.02
C ASP C 27 -10.59 40.36 -7.21
N ASP C 28 -10.81 41.53 -6.64
CA ASP C 28 -9.87 42.64 -6.84
C ASP C 28 -8.48 42.26 -6.33
N GLU C 29 -8.39 41.60 -5.16
CA GLU C 29 -7.07 41.22 -4.65
C GLU C 29 -6.39 40.20 -5.56
N VAL C 30 -7.19 39.29 -6.17
CA VAL C 30 -6.67 38.32 -7.17
C VAL C 30 -6.10 39.12 -8.36
N ARG C 31 -6.87 40.09 -8.88
CA ARG C 31 -6.36 40.94 -9.97
C ARG C 31 -5.07 41.66 -9.60
N ILE C 32 -4.99 42.20 -8.34
CA ILE C 32 -3.77 42.89 -7.92
C ILE C 32 -2.60 41.93 -7.88
N LEU C 33 -2.77 40.75 -7.26
CA LEU C 33 -1.68 39.76 -7.16
C LEU C 33 -1.22 39.24 -8.53
N MET C 34 -2.17 39.07 -9.45
CA MET C 34 -1.84 38.65 -10.82
C MET C 34 -1.01 39.72 -11.52
N ALA C 35 -1.38 41.00 -11.32
CA ALA C 35 -0.59 42.10 -11.88
C ALA C 35 0.81 42.15 -11.25
N ASN C 36 0.97 41.61 -10.04
CA ASN C 36 2.27 41.65 -9.31
C ASN C 36 3.21 40.51 -9.71
N GLY C 37 2.72 39.53 -10.48
CA GLY C 37 3.58 38.44 -10.97
C GLY C 37 3.33 37.12 -10.26
N ALA C 38 2.18 37.00 -9.58
CA ALA C 38 1.90 35.77 -8.82
C ALA C 38 1.78 34.59 -9.77
N ASP C 39 2.26 33.42 -9.34
CA ASP C 39 2.16 32.18 -10.16
C ASP C 39 0.72 31.72 -10.17
N VAL C 40 0.08 31.71 -11.33
CA VAL C 40 -1.34 31.32 -11.47
C VAL C 40 -1.52 29.84 -11.09
N ASN C 41 -0.45 29.06 -11.15
CA ASN C 41 -0.52 27.60 -10.88
C ASN C 41 0.18 27.30 -9.55
N ALA C 42 0.28 28.31 -8.68
CA ALA C 42 0.86 28.06 -7.34
C ALA C 42 0.05 26.97 -6.66
N LYS C 43 0.67 26.21 -5.78
CA LYS C 43 -0.03 25.06 -5.16
C LYS C 43 0.06 25.13 -3.63
N ASP C 44 -1.03 24.74 -2.96
CA ASP C 44 -1.01 24.66 -1.48
C ASP C 44 -0.45 23.29 -1.08
N ARG C 45 -0.51 22.97 0.21
CA ARG C 45 0.06 21.69 0.69
C ARG C 45 -0.69 20.48 0.12
N TYR C 46 -1.85 20.68 -0.49
CA TYR C 46 -2.68 19.54 -0.98
C TYR C 46 -2.72 19.47 -2.51
N GLY C 47 -1.92 20.27 -3.19
CA GLY C 47 -1.87 20.29 -4.67
C GLY C 47 -2.92 21.20 -5.26
N ASN C 48 -3.65 21.90 -4.41
CA ASN C 48 -4.70 22.84 -4.86
C ASN C 48 -4.07 24.05 -5.54
N THR C 49 -4.61 24.42 -6.69
CA THR C 49 -4.19 25.65 -7.38
C THR C 49 -5.26 26.69 -7.07
N PRO C 50 -5.01 27.98 -7.30
CA PRO C 50 -6.04 29.00 -7.12
C PRO C 50 -7.35 28.66 -7.87
N LEU C 51 -7.26 28.08 -9.07
CA LEU C 51 -8.46 27.68 -9.86
C LEU C 51 -9.21 26.57 -9.12
N HIS C 52 -8.49 25.60 -8.56
CA HIS C 52 -9.14 24.53 -7.77
C HIS C 52 -9.98 25.18 -6.67
N LEU C 53 -9.36 26.10 -5.93
CA LEU C 53 -10.05 26.70 -4.77
C LEU C 53 -11.23 27.57 -5.24
N ALA C 54 -11.04 28.38 -6.28
CA ALA C 54 -12.13 29.23 -6.80
C ALA C 54 -13.27 28.35 -7.31
N ALA C 55 -12.93 27.30 -8.06
CA ALA C 55 -13.94 26.37 -8.62
C ALA C 55 -14.69 25.70 -7.48
N TYR C 56 -13.97 25.32 -6.43
CA TYR C 56 -14.60 24.63 -5.27
C TYR C 56 -15.50 25.62 -4.52
N MET C 57 -15.03 26.84 -4.30
CA MET C 57 -15.76 27.84 -3.49
C MET C 57 -16.83 28.57 -4.30
N GLY C 58 -16.93 28.34 -5.61
CA GLY C 58 -18.01 28.93 -6.41
C GLY C 58 -17.74 30.36 -6.89
N HIS C 59 -16.48 30.75 -7.02
CA HIS C 59 -16.12 32.12 -7.44
C HIS C 59 -15.91 32.16 -8.96
N LEU C 60 -16.97 32.37 -9.73
CA LEU C 60 -16.86 32.29 -11.21
C LEU C 60 -15.91 33.35 -11.75
N GLU C 61 -15.95 34.57 -11.24
CA GLU C 61 -15.12 35.65 -11.81
C GLU C 61 -13.64 35.37 -11.57
N ILE C 62 -13.30 34.84 -10.39
CA ILE C 62 -11.88 34.46 -10.15
C ILE C 62 -11.49 33.37 -11.13
N VAL C 63 -12.41 32.43 -11.38
CA VAL C 63 -12.14 31.32 -12.32
C VAL C 63 -11.84 31.93 -13.69
N GLU C 64 -12.67 32.87 -14.12
CA GLU C 64 -12.47 33.53 -15.43
C GLU C 64 -11.11 34.22 -15.42
N VAL C 65 -10.86 35.00 -14.38
CA VAL C 65 -9.59 35.79 -14.32
C VAL C 65 -8.39 34.85 -14.39
N LEU C 66 -8.36 33.81 -13.58
CA LEU C 66 -7.17 32.92 -13.54
C LEU C 66 -6.98 32.25 -14.90
N LEU C 67 -8.08 31.88 -15.54
CA LEU C 67 -8.02 31.26 -16.89
C LEU C 67 -7.41 32.28 -17.87
N LYS C 68 -7.84 33.54 -17.80
CA LYS C 68 -7.25 34.60 -18.65
C LYS C 68 -5.75 34.73 -18.35
N TYR C 69 -5.33 34.40 -17.14
CA TYR C 69 -3.90 34.54 -16.75
C TYR C 69 -3.10 33.26 -16.99
N GLY C 70 -3.66 32.28 -17.69
CA GLY C 70 -2.91 31.08 -18.04
C GLY C 70 -3.05 29.92 -17.04
N ALA C 71 -4.12 29.92 -16.25
CA ALA C 71 -4.35 28.83 -15.29
C ALA C 71 -4.52 27.49 -16.01
N ASP C 72 -3.83 26.45 -15.53
CA ASP C 72 -3.98 25.09 -16.11
C ASP C 72 -5.36 24.55 -15.74
N VAL C 73 -6.25 24.41 -16.72
CA VAL C 73 -7.64 23.96 -16.45
C VAL C 73 -7.64 22.53 -15.91
N ASN C 74 -6.62 21.74 -16.24
CA ASN C 74 -6.62 20.31 -15.86
C ASN C 74 -5.56 20.04 -14.80
N ALA C 75 -5.22 21.05 -14.00
CA ALA C 75 -4.28 20.84 -12.88
C ALA C 75 -4.88 19.82 -11.92
N MET C 76 -4.01 19.02 -11.32
CA MET C 76 -4.47 17.96 -10.42
C MET C 76 -3.91 18.17 -9.02
N ASP C 77 -4.74 17.89 -8.04
CA ASP C 77 -4.37 18.02 -6.63
C ASP C 77 -3.71 16.72 -6.18
N HIS C 78 -3.58 16.42 -4.93
CA HIS C 78 -2.85 15.22 -4.48
C HIS C 78 -3.72 13.98 -4.66
N TRP C 79 -4.98 14.16 -5.01
CA TRP C 79 -5.91 13.02 -5.18
C TRP C 79 -6.35 12.94 -6.65
N GLY C 80 -5.60 13.57 -7.55
CA GLY C 80 -5.89 13.48 -8.99
C GLY C 80 -7.16 14.20 -9.40
N ARG C 81 -7.69 15.05 -8.54
CA ARG C 81 -8.91 15.80 -8.86
C ARG C 81 -8.57 17.09 -9.60
N THR C 82 -9.34 17.40 -10.63
CA THR C 82 -9.17 18.64 -11.41
C THR C 82 -10.13 19.69 -10.86
N PRO C 83 -10.02 20.96 -11.26
CA PRO C 83 -11.01 21.96 -10.85
C PRO C 83 -12.42 21.51 -11.28
N LEU C 84 -12.54 20.77 -12.38
CA LEU C 84 -13.86 20.24 -12.83
C LEU C 84 -14.43 19.30 -11.77
N HIS C 85 -13.61 18.38 -11.26
CA HIS C 85 -14.07 17.45 -10.20
C HIS C 85 -14.62 18.25 -9.02
N LEU C 86 -13.85 19.23 -8.56
CA LEU C 86 -14.27 20.01 -7.37
C LEU C 86 -15.57 20.76 -7.64
N ALA C 87 -15.67 21.38 -8.81
CA ALA C 87 -16.87 22.18 -9.15
C ALA C 87 -18.06 21.25 -9.27
N ALA C 88 -17.84 20.05 -9.83
CA ALA C 88 -18.92 19.05 -9.94
C ALA C 88 -19.33 18.63 -8.54
N SER C 89 -18.36 18.42 -7.66
CA SER C 89 -18.64 18.04 -6.26
C SER C 89 -19.55 19.08 -5.61
N ARG C 90 -19.31 20.36 -5.87
CA ARG C 90 -20.07 21.42 -5.16
C ARG C 90 -21.24 21.93 -6.01
N GLY C 91 -21.54 21.27 -7.12
CA GLY C 91 -22.73 21.62 -7.93
C GLY C 91 -22.64 22.97 -8.62
N HIS C 92 -21.44 23.48 -8.88
CA HIS C 92 -21.26 24.79 -9.53
C HIS C 92 -21.35 24.65 -11.05
N LEU C 93 -22.56 24.61 -11.60
CA LEU C 93 -22.79 24.41 -13.06
C LEU C 93 -22.09 25.47 -13.92
N ASP C 94 -22.21 26.75 -13.56
CA ASP C 94 -21.62 27.84 -14.37
C ASP C 94 -20.11 27.63 -14.50
N ILE C 95 -19.45 27.32 -13.38
CA ILE C 95 -17.99 27.11 -13.40
C ILE C 95 -17.69 25.87 -14.23
N VAL C 96 -18.54 24.84 -14.11
CA VAL C 96 -18.38 23.62 -14.94
C VAL C 96 -18.40 24.02 -16.42
N GLU C 97 -19.37 24.84 -16.82
CA GLU C 97 -19.49 25.18 -18.26
C GLU C 97 -18.24 25.93 -18.71
N VAL C 98 -17.72 26.83 -17.88
CA VAL C 98 -16.53 27.64 -18.28
C VAL C 98 -15.32 26.71 -18.39
N LEU C 99 -15.16 25.83 -17.42
CA LEU C 99 -14.02 24.90 -17.42
C LEU C 99 -14.08 24.04 -18.69
N LEU C 100 -15.26 23.51 -19.01
CA LEU C 100 -15.41 22.66 -20.21
C LEU C 100 -14.99 23.47 -21.45
N LYS C 101 -15.49 24.70 -21.54
CA LYS C 101 -15.17 25.57 -22.69
C LYS C 101 -13.69 25.91 -22.74
N HIS C 102 -12.97 25.79 -21.63
CA HIS C 102 -11.50 26.02 -21.62
C HIS C 102 -10.71 24.72 -21.73
N GLY C 103 -11.37 23.62 -22.10
CA GLY C 103 -10.65 22.35 -22.36
C GLY C 103 -10.50 21.42 -21.16
N ALA C 104 -11.44 21.46 -20.23
CA ALA C 104 -11.39 20.53 -19.08
C ALA C 104 -11.47 19.08 -19.57
N ASP C 105 -10.59 18.22 -19.08
CA ASP C 105 -10.59 16.77 -19.43
C ASP C 105 -11.80 16.11 -18.75
N VAL C 106 -12.91 15.99 -19.46
CA VAL C 106 -14.18 15.46 -18.86
C VAL C 106 -14.00 14.01 -18.41
N ASN C 107 -13.17 13.23 -19.12
CA ASN C 107 -12.98 11.79 -18.78
CA ASN C 107 -12.98 11.79 -18.78
C ASN C 107 -11.86 11.47 -17.76
N ALA C 108 -11.32 12.56 -17.22
CA ALA C 108 -10.22 12.38 -16.23
C ALA C 108 -10.75 11.68 -14.97
N GLN C 109 -10.07 10.62 -14.56
CA GLN C 109 -10.45 9.88 -13.35
C GLN C 109 -9.49 10.23 -12.21
N ASP C 110 -10.03 10.48 -11.03
CA ASP C 110 -9.19 10.86 -9.86
C ASP C 110 -8.54 9.61 -9.26
N LYS C 111 -7.84 9.76 -8.14
CA LYS C 111 -7.14 8.65 -7.48
C LYS C 111 -8.16 7.65 -6.90
N PHE C 112 -9.44 7.95 -6.99
CA PHE C 112 -10.51 7.02 -6.56
C PHE C 112 -11.26 6.47 -7.77
N GLY C 113 -10.75 6.71 -8.99
CA GLY C 113 -11.35 6.18 -10.23
C GLY C 113 -12.58 6.94 -10.66
N LYS C 114 -12.81 8.12 -10.08
CA LYS C 114 -14.06 8.85 -10.36
C LYS C 114 -13.90 9.97 -11.39
N THR C 115 -14.91 10.13 -12.22
CA THR C 115 -14.95 11.25 -13.18
C THR C 115 -15.87 12.29 -12.59
N ALA C 116 -15.86 13.49 -13.16
CA ALA C 116 -16.82 14.52 -12.72
C ALA C 116 -18.23 13.95 -12.90
N PHE C 117 -18.41 13.09 -13.91
CA PHE C 117 -19.73 12.45 -14.12
C PHE C 117 -20.08 11.60 -12.90
N ASP C 118 -19.19 10.68 -12.54
CA ASP C 118 -19.41 9.82 -11.35
C ASP C 118 -19.77 10.70 -10.14
N ILE C 119 -19.01 11.78 -9.95
CA ILE C 119 -19.23 12.65 -8.76
C ILE C 119 -20.64 13.22 -8.81
N SER C 120 -21.06 13.69 -9.97
CA SER C 120 -22.43 14.25 -10.12
C SER C 120 -23.48 13.21 -9.72
N ILE C 121 -23.40 12.02 -10.29
CA ILE C 121 -24.35 10.92 -9.93
C ILE C 121 -24.24 10.65 -8.43
N ASP C 122 -23.01 10.54 -7.92
CA ASP C 122 -22.79 10.29 -6.47
C ASP C 122 -23.49 11.37 -5.64
N ASN C 123 -23.49 12.62 -6.10
CA ASN C 123 -24.07 13.73 -5.30
C ASN C 123 -25.52 14.02 -5.72
N GLY C 124 -26.01 13.35 -6.77
CA GLY C 124 -27.40 13.54 -7.20
C GLY C 124 -27.58 14.69 -8.17
N ASN C 125 -26.50 15.34 -8.58
CA ASN C 125 -26.56 16.48 -9.54
C ASN C 125 -26.81 15.93 -10.94
N GLU C 126 -28.07 15.63 -11.25
CA GLU C 126 -28.41 15.03 -12.55
C GLU C 126 -28.20 16.03 -13.68
N ASP C 127 -28.68 17.26 -13.49
CA ASP C 127 -28.46 18.31 -14.51
C ASP C 127 -26.98 18.33 -14.89
N LEU C 128 -26.11 18.36 -13.88
CA LEU C 128 -24.66 18.42 -14.13
C LEU C 128 -24.26 17.17 -14.89
N ALA C 129 -24.68 16.01 -14.39
CA ALA C 129 -24.36 14.74 -15.07
C ALA C 129 -24.81 14.82 -16.53
N GLU C 130 -26.02 15.30 -16.77
CA GLU C 130 -26.57 15.31 -18.15
C GLU C 130 -25.61 16.07 -19.06
N ILE C 131 -25.09 17.19 -18.57
CA ILE C 131 -24.13 17.97 -19.37
C ILE C 131 -22.86 17.15 -19.56
N LEU C 132 -22.29 16.62 -18.48
CA LEU C 132 -21.01 15.88 -18.58
C LEU C 132 -21.16 14.68 -19.53
N GLN C 133 -22.38 14.38 -19.96
CA GLN C 133 -22.62 13.29 -20.95
C GLN C 133 -23.45 13.87 -22.11
N ASP D 13 32.83 24.61 0.36
CA ASP D 13 32.63 23.54 -0.64
C ASP D 13 31.29 23.76 -1.34
N LEU D 14 31.33 24.21 -2.58
CA LEU D 14 30.08 24.54 -3.30
C LEU D 14 29.22 23.28 -3.47
N GLY D 15 29.84 22.12 -3.60
CA GLY D 15 29.08 20.88 -3.84
C GLY D 15 28.10 20.59 -2.73
N LYS D 16 28.56 20.68 -1.51
CA LYS D 16 27.68 20.38 -0.35
C LYS D 16 26.56 21.40 -0.32
N LYS D 17 26.91 22.68 -0.54
CA LYS D 17 25.90 23.76 -0.52
C LYS D 17 24.88 23.54 -1.67
N LEU D 18 25.37 23.07 -2.82
CA LEU D 18 24.47 22.81 -3.96
C LEU D 18 23.46 21.72 -3.58
N LEU D 19 23.95 20.64 -2.98
CA LEU D 19 23.06 19.52 -2.58
C LEU D 19 22.00 20.04 -1.61
N GLU D 20 22.41 20.78 -0.60
CA GLU D 20 21.47 21.32 0.43
C GLU D 20 20.44 22.25 -0.21
N ALA D 21 20.88 23.14 -1.11
CA ALA D 21 19.96 24.12 -1.72
C ALA D 21 18.94 23.41 -2.61
N ALA D 22 19.40 22.41 -3.37
CA ALA D 22 18.50 21.64 -4.25
C ALA D 22 17.46 20.89 -3.41
N ARG D 23 17.89 20.28 -2.32
CA ARG D 23 16.96 19.55 -1.43
C ARG D 23 16.01 20.54 -0.77
N ALA D 24 16.53 21.69 -0.31
CA ALA D 24 15.69 22.71 0.33
C ALA D 24 14.76 23.46 -0.59
N GLY D 25 14.95 23.31 -1.90
CA GLY D 25 14.12 23.96 -2.91
C GLY D 25 14.44 25.42 -3.06
N GLN D 26 15.72 25.79 -2.91
CA GLN D 26 16.15 27.18 -2.98
C GLN D 26 16.68 27.51 -4.37
N ASP D 27 15.75 27.74 -5.30
CA ASP D 27 16.02 28.00 -6.72
C ASP D 27 17.09 29.07 -6.96
N ASP D 28 16.95 30.25 -6.30
CA ASP D 28 17.91 31.32 -6.52
C ASP D 28 19.30 30.96 -6.01
N GLU D 29 19.39 30.23 -4.88
CA GLU D 29 20.69 29.81 -4.35
C GLU D 29 21.36 28.77 -5.24
N VAL D 30 20.58 27.88 -5.88
CA VAL D 30 21.13 26.91 -6.84
C VAL D 30 21.77 27.66 -8.03
N ARG D 31 21.08 28.66 -8.56
CA ARG D 31 21.63 29.49 -9.67
C ARG D 31 22.94 30.17 -9.27
N ILE D 32 23.03 30.71 -8.05
CA ILE D 32 24.22 31.39 -7.57
C ILE D 32 25.37 30.42 -7.48
N LEU D 33 25.16 29.24 -6.87
CA LEU D 33 26.24 28.25 -6.75
C LEU D 33 26.66 27.75 -8.12
N MET D 34 25.71 27.59 -9.05
CA MET D 34 26.05 27.18 -10.42
C MET D 34 26.92 28.25 -11.10
N ALA D 35 26.62 29.54 -10.86
CA ALA D 35 27.46 30.63 -11.38
C ALA D 35 28.84 30.63 -10.70
N ASN D 36 28.89 30.15 -9.46
CA ASN D 36 30.18 30.11 -8.71
C ASN D 36 31.04 28.94 -9.19
N GLY D 37 30.46 28.06 -10.00
CA GLY D 37 31.23 26.93 -10.56
C GLY D 37 31.06 25.65 -9.79
N ALA D 38 29.92 25.48 -9.12
CA ALA D 38 29.69 24.25 -8.34
C ALA D 38 29.53 23.07 -9.30
N ASP D 39 29.91 21.88 -8.86
CA ASP D 39 29.74 20.65 -9.68
C ASP D 39 28.27 20.25 -9.69
N VAL D 40 27.63 20.27 -10.85
CA VAL D 40 26.20 19.89 -10.99
C VAL D 40 26.02 18.41 -10.62
N ASN D 41 27.09 17.63 -10.64
CA ASN D 41 27.03 16.18 -10.33
C ASN D 41 27.68 15.90 -8.97
N ALA D 42 27.78 16.92 -8.11
CA ALA D 42 28.30 16.71 -6.75
C ALA D 42 27.47 15.62 -6.07
N LYS D 43 28.10 14.84 -5.21
CA LYS D 43 27.38 13.69 -4.61
C LYS D 43 27.53 13.67 -3.09
N ASP D 44 26.44 13.35 -2.40
CA ASP D 44 26.46 13.23 -0.92
C ASP D 44 27.01 11.86 -0.51
N ARG D 45 26.93 11.55 0.78
CA ARG D 45 27.44 10.26 1.31
C ARG D 45 26.65 9.07 0.74
N TYR D 46 25.49 9.32 0.14
CA TYR D 46 24.64 8.21 -0.39
C TYR D 46 24.65 8.16 -1.92
N GLY D 47 25.50 8.93 -2.58
CA GLY D 47 25.58 8.95 -4.06
C GLY D 47 24.49 9.80 -4.67
N ASN D 48 23.79 10.56 -3.84
CA ASN D 48 22.76 11.48 -4.33
C ASN D 48 23.41 12.68 -5.00
N THR D 49 22.96 13.01 -6.19
CA THR D 49 23.42 14.23 -6.87
C THR D 49 22.37 15.30 -6.59
N PRO D 50 22.62 16.59 -6.90
CA PRO D 50 21.59 17.61 -6.75
C PRO D 50 20.27 17.21 -7.43
N LEU D 51 20.35 16.61 -8.62
CA LEU D 51 19.13 16.21 -9.39
C LEU D 51 18.34 15.13 -8.65
N HIS D 52 19.03 14.15 -8.05
CA HIS D 52 18.33 13.13 -7.23
C HIS D 52 17.48 13.82 -6.16
N LEU D 53 18.09 14.73 -5.41
CA LEU D 53 17.40 15.39 -4.28
C LEU D 53 16.22 16.23 -4.77
N ALA D 54 16.45 17.01 -5.82
CA ALA D 54 15.38 17.86 -6.37
C ALA D 54 14.26 16.97 -6.90
N ALA D 55 14.62 15.88 -7.56
CA ALA D 55 13.61 14.95 -8.13
C ALA D 55 12.80 14.30 -7.02
N TYR D 56 13.46 13.88 -5.95
CA TYR D 56 12.76 13.25 -4.79
C TYR D 56 11.89 14.30 -4.10
N MET D 57 12.41 15.51 -3.95
CA MET D 57 11.68 16.55 -3.16
C MET D 57 10.54 17.18 -3.96
N GLY D 58 10.45 16.93 -5.25
CA GLY D 58 9.38 17.52 -6.07
C GLY D 58 9.69 18.94 -6.52
N HIS D 59 10.97 19.31 -6.59
CA HIS D 59 11.40 20.66 -7.00
C HIS D 59 11.58 20.72 -8.52
N LEU D 60 10.51 21.00 -9.26
CA LEU D 60 10.56 20.98 -10.74
C LEU D 60 11.60 21.97 -11.29
N GLU D 61 11.55 23.22 -10.83
CA GLU D 61 12.44 24.27 -11.40
C GLU D 61 13.92 23.90 -11.19
N ILE D 62 14.26 23.42 -10.00
CA ILE D 62 15.67 23.01 -9.73
C ILE D 62 16.03 21.88 -10.69
N VAL D 63 15.12 20.93 -10.88
CA VAL D 63 15.35 19.82 -11.85
C VAL D 63 15.72 20.41 -13.22
N GLU D 64 14.94 21.37 -13.68
CA GLU D 64 15.17 21.99 -15.01
C GLU D 64 16.52 22.71 -15.03
N VAL D 65 16.79 23.53 -14.03
CA VAL D 65 18.04 24.33 -14.04
C VAL D 65 19.24 23.40 -14.01
N LEU D 66 19.20 22.35 -13.19
CA LEU D 66 20.35 21.44 -13.08
C LEU D 66 20.56 20.76 -14.43
N LEU D 67 19.47 20.38 -15.09
CA LEU D 67 19.56 19.76 -16.43
C LEU D 67 20.21 20.75 -17.40
N LYS D 68 19.82 22.02 -17.32
CA LYS D 68 20.41 23.06 -18.20
C LYS D 68 21.91 23.20 -17.92
N TYR D 69 22.32 22.96 -16.68
CA TYR D 69 23.75 23.07 -16.29
C TYR D 69 24.46 21.74 -16.53
N GLY D 70 23.81 20.81 -17.21
CA GLY D 70 24.48 19.56 -17.63
C GLY D 70 24.41 18.43 -16.62
N ALA D 71 23.37 18.41 -15.81
CA ALA D 71 23.19 17.32 -14.83
C ALA D 71 23.11 15.98 -15.55
N ASP D 72 23.70 14.94 -14.98
CA ASP D 72 23.54 13.57 -15.54
C ASP D 72 22.16 13.03 -15.17
N VAL D 73 21.25 12.95 -16.15
CA VAL D 73 19.85 12.48 -15.90
C VAL D 73 19.84 11.05 -15.37
N ASN D 74 20.82 10.24 -15.74
CA ASN D 74 20.85 8.81 -15.36
C ASN D 74 21.91 8.58 -14.27
N ALA D 75 22.24 9.61 -13.50
CA ALA D 75 23.18 9.40 -12.38
C ALA D 75 22.59 8.39 -11.41
N MET D 76 23.45 7.63 -10.74
CA MET D 76 22.96 6.55 -9.85
C MET D 76 23.42 6.74 -8.40
N ASP D 77 22.51 6.55 -7.47
CA ASP D 77 22.88 6.60 -6.03
C ASP D 77 23.55 5.28 -5.64
N HIS D 78 23.86 5.10 -4.36
CA HIS D 78 24.59 3.89 -3.89
C HIS D 78 23.73 2.64 -4.04
N TRP D 79 22.45 2.78 -4.40
CA TRP D 79 21.55 1.62 -4.59
C TRP D 79 21.11 1.51 -6.06
N GLY D 80 21.87 2.12 -6.98
CA GLY D 80 21.58 2.00 -8.42
C GLY D 80 20.33 2.74 -8.87
N ARG D 81 19.86 3.66 -8.04
CA ARG D 81 18.60 4.38 -8.35
C ARG D 81 18.90 5.71 -9.05
N THR D 82 18.18 5.96 -10.14
CA THR D 82 18.34 7.20 -10.93
C THR D 82 17.34 8.22 -10.41
N PRO D 83 17.44 9.51 -10.77
CA PRO D 83 16.44 10.49 -10.37
C PRO D 83 15.02 10.05 -10.78
N LEU D 84 14.87 9.34 -11.90
CA LEU D 84 13.56 8.79 -12.33
C LEU D 84 13.04 7.84 -11.27
N HIS D 85 13.90 6.91 -10.83
CA HIS D 85 13.53 5.97 -9.73
C HIS D 85 12.96 6.75 -8.55
N LEU D 86 13.67 7.79 -8.13
CA LEU D 86 13.25 8.56 -6.93
C LEU D 86 11.96 9.32 -7.21
N ALA D 87 11.84 9.95 -8.37
CA ALA D 87 10.63 10.72 -8.71
C ALA D 87 9.45 9.76 -8.80
N ALA D 88 9.69 8.57 -9.34
CA ALA D 88 8.63 7.54 -9.44
C ALA D 88 8.16 7.16 -8.03
N SER D 89 9.10 6.93 -7.13
CA SER D 89 8.76 6.55 -5.73
C SER D 89 7.87 7.63 -5.09
N ARG D 90 8.13 8.89 -5.38
CA ARG D 90 7.40 9.99 -4.69
C ARG D 90 6.20 10.47 -5.52
N GLY D 91 5.94 9.82 -6.66
CA GLY D 91 4.75 10.17 -7.46
C GLY D 91 4.79 11.53 -8.13
N HIS D 92 5.98 12.02 -8.47
CA HIS D 92 6.12 13.35 -9.11
C HIS D 92 6.03 13.22 -10.63
N LEU D 93 4.80 13.17 -11.16
CA LEU D 93 4.57 13.00 -12.61
C LEU D 93 5.30 14.07 -13.43
N ASP D 94 5.17 15.32 -13.04
CA ASP D 94 5.77 16.43 -13.84
C ASP D 94 7.28 16.21 -13.97
N ILE D 95 7.96 15.86 -12.88
CA ILE D 95 9.43 15.65 -12.92
C ILE D 95 9.72 14.42 -13.78
N VAL D 96 8.91 13.39 -13.65
CA VAL D 96 9.07 12.16 -14.49
C VAL D 96 9.10 12.57 -15.97
N GLU D 97 8.12 13.35 -16.41
CA GLU D 97 8.04 13.70 -17.86
C GLU D 97 9.31 14.44 -18.30
N VAL D 98 9.76 15.41 -17.49
CA VAL D 98 10.99 16.20 -17.84
C VAL D 98 12.18 15.24 -17.93
N LEU D 99 12.33 14.36 -16.93
CA LEU D 99 13.45 13.40 -16.93
C LEU D 99 13.39 12.54 -18.20
N LEU D 100 12.22 12.01 -18.52
CA LEU D 100 12.03 11.19 -19.73
C LEU D 100 12.43 11.98 -20.98
N LYS D 101 11.97 13.23 -21.07
CA LYS D 101 12.28 14.09 -22.24
C LYS D 101 13.79 14.36 -22.32
N HIS D 102 14.50 14.27 -21.20
CA HIS D 102 15.96 14.54 -21.19
C HIS D 102 16.77 13.22 -21.23
N GLY D 103 16.16 12.11 -21.66
CA GLY D 103 16.92 10.86 -21.87
C GLY D 103 17.02 9.93 -20.67
N ALA D 104 16.11 10.03 -19.71
CA ALA D 104 16.10 9.12 -18.56
C ALA D 104 15.96 7.68 -19.04
N ASP D 105 16.79 6.77 -18.51
CA ASP D 105 16.75 5.33 -18.91
C ASP D 105 15.59 4.61 -18.21
N VAL D 106 14.48 4.45 -18.91
CA VAL D 106 13.26 3.84 -18.30
C VAL D 106 13.53 2.39 -17.89
N ASN D 107 14.47 1.71 -18.53
CA ASN D 107 14.67 0.26 -18.27
C ASN D 107 15.72 0.06 -17.18
N ALA D 108 16.28 1.14 -16.66
CA ALA D 108 17.38 1.01 -15.67
C ALA D 108 16.86 0.25 -14.45
N GLN D 109 17.58 -0.79 -14.05
CA GLN D 109 17.20 -1.57 -12.86
C GLN D 109 18.15 -1.24 -11.72
N ASP D 110 17.61 -0.99 -10.53
CA ASP D 110 18.45 -0.60 -9.37
C ASP D 110 19.11 -1.86 -8.78
N LYS D 111 19.76 -1.71 -7.63
CA LYS D 111 20.47 -2.84 -6.97
C LYS D 111 19.46 -3.84 -6.35
N PHE D 112 18.17 -3.57 -6.48
CA PHE D 112 17.12 -4.51 -6.01
C PHE D 112 16.40 -5.09 -7.23
N GLY D 113 16.89 -4.78 -8.44
CA GLY D 113 16.34 -5.30 -9.71
C GLY D 113 15.13 -4.53 -10.15
N LYS D 114 14.89 -3.37 -9.54
CA LYS D 114 13.63 -2.65 -9.81
C LYS D 114 13.79 -1.49 -10.80
N THR D 115 12.79 -1.35 -11.68
CA THR D 115 12.73 -0.21 -12.61
C THR D 115 11.83 0.84 -11.97
N ALA D 116 11.75 2.02 -12.56
CA ALA D 116 10.81 3.04 -12.05
C ALA D 116 9.40 2.48 -12.17
N PHE D 117 9.14 1.68 -13.20
CA PHE D 117 7.81 1.07 -13.39
C PHE D 117 7.51 0.18 -12.19
N ASP D 118 8.43 -0.72 -11.87
CA ASP D 118 8.26 -1.63 -10.72
C ASP D 118 7.97 -0.79 -9.46
N ILE D 119 8.76 0.26 -9.22
CA ILE D 119 8.56 1.14 -8.03
C ILE D 119 7.14 1.68 -8.07
N SER D 120 6.75 2.30 -9.18
CA SER D 120 5.38 2.85 -9.31
CA SER D 120 5.37 2.84 -9.34
C SER D 120 4.24 1.86 -8.94
N ILE D 121 4.43 0.62 -9.39
CA ILE D 121 3.38 -0.41 -9.10
C ILE D 121 3.48 -0.80 -7.62
N ASP D 122 4.70 -0.92 -7.12
CA ASP D 122 4.91 -1.28 -5.70
C ASP D 122 4.28 -0.21 -4.81
N ASN D 123 4.34 1.06 -5.22
CA ASN D 123 3.80 2.18 -4.42
C ASN D 123 2.38 2.50 -4.89
N GLY D 124 1.78 1.62 -5.69
CA GLY D 124 0.38 1.80 -6.13
C GLY D 124 0.12 2.92 -7.11
N ASN D 125 1.15 3.65 -7.55
CA ASN D 125 0.93 4.70 -8.59
C ASN D 125 0.83 4.04 -9.96
N GLU D 126 -0.31 3.39 -10.24
CA GLU D 126 -0.50 2.67 -11.52
C GLU D 126 -0.58 3.65 -12.69
N ASP D 127 -0.99 4.88 -12.41
CA ASP D 127 -1.11 5.92 -13.47
C ASP D 127 0.28 6.26 -14.03
N LEU D 128 1.28 6.35 -13.15
CA LEU D 128 2.66 6.65 -13.59
C LEU D 128 3.21 5.41 -14.28
N ALA D 129 2.92 4.24 -13.71
CA ALA D 129 3.39 2.98 -14.31
C ALA D 129 2.91 2.93 -15.76
N GLU D 130 1.65 3.32 -15.99
CA GLU D 130 1.09 3.31 -17.35
C GLU D 130 1.93 4.19 -18.26
N ILE D 131 2.34 5.35 -17.75
CA ILE D 131 3.20 6.25 -18.54
C ILE D 131 4.49 5.53 -18.87
N LEU D 132 5.18 5.01 -17.85
CA LEU D 132 6.45 4.28 -18.07
C LEU D 132 6.20 3.12 -19.03
N GLN D 133 4.94 2.86 -19.40
CA GLN D 133 4.55 1.81 -20.37
C GLN D 133 4.79 0.44 -19.75
N ASP E 13 -2.47 5.40 -32.03
CA ASP E 13 -2.41 4.06 -32.66
C ASP E 13 -3.81 3.43 -32.68
N LEU E 14 -3.94 2.23 -33.23
CA LEU E 14 -5.27 1.58 -33.35
C LEU E 14 -5.88 1.39 -31.95
N GLY E 15 -5.05 1.09 -30.95
CA GLY E 15 -5.55 0.87 -29.59
C GLY E 15 -6.28 2.08 -29.07
N LYS E 16 -5.69 3.26 -29.24
CA LYS E 16 -6.32 4.51 -28.78
C LYS E 16 -7.65 4.69 -29.50
N LYS E 17 -7.63 4.47 -30.82
CA LYS E 17 -8.88 4.62 -31.61
C LYS E 17 -9.92 3.62 -31.13
N LEU E 18 -9.50 2.40 -30.82
CA LEU E 18 -10.45 1.34 -30.37
C LEU E 18 -11.08 1.77 -29.04
N LEU E 19 -10.28 2.26 -28.10
CA LEU E 19 -10.79 2.68 -26.78
C LEU E 19 -11.80 3.80 -26.97
N GLU E 20 -11.51 4.77 -27.83
CA GLU E 20 -12.43 5.91 -28.09
C GLU E 20 -13.71 5.40 -28.75
N ALA E 21 -13.57 4.48 -29.70
CA ALA E 21 -14.75 3.94 -30.43
C ALA E 21 -15.61 3.14 -29.45
N ALA E 22 -14.97 2.32 -28.63
CA ALA E 22 -15.72 1.55 -27.61
C ALA E 22 -16.50 2.47 -26.65
N ARG E 23 -15.84 3.52 -26.16
CA ARG E 23 -16.51 4.46 -25.24
C ARG E 23 -17.65 5.20 -25.95
N ALA E 24 -17.46 5.62 -27.20
CA ALA E 24 -18.47 6.37 -27.95
C ALA E 24 -19.62 5.55 -28.50
N GLY E 25 -19.49 4.21 -28.49
CA GLY E 25 -20.55 3.36 -29.00
C GLY E 25 -20.57 3.32 -30.51
N GLN E 26 -19.39 3.37 -31.13
CA GLN E 26 -19.24 3.36 -32.57
C GLN E 26 -19.02 1.93 -33.03
N ASP E 27 -20.09 1.16 -33.09
CA ASP E 27 -20.01 -0.28 -33.44
C ASP E 27 -19.15 -0.52 -34.69
N ASP E 28 -19.42 0.23 -35.76
CA ASP E 28 -18.68 0.04 -37.04
C ASP E 28 -17.18 0.17 -36.84
N GLU E 29 -16.74 1.28 -36.25
CA GLU E 29 -15.28 1.52 -36.11
C GLU E 29 -14.65 0.38 -35.33
N VAL E 30 -15.34 -0.11 -34.30
CA VAL E 30 -14.72 -1.17 -33.46
C VAL E 30 -14.49 -2.40 -34.34
N ARG E 31 -15.50 -2.76 -35.13
CA ARG E 31 -15.39 -3.93 -36.03
C ARG E 31 -14.24 -3.71 -37.02
N ILE E 32 -14.12 -2.48 -37.55
CA ILE E 32 -13.07 -2.19 -38.55
C ILE E 32 -11.70 -2.30 -37.87
N LEU E 33 -11.56 -1.75 -36.68
CA LEU E 33 -10.24 -1.74 -36.01
C LEU E 33 -9.84 -3.15 -35.58
N MET E 34 -10.79 -3.93 -35.07
CA MET E 34 -10.49 -5.33 -34.66
C MET E 34 -9.96 -6.09 -35.88
N ALA E 35 -10.62 -5.94 -37.03
CA ALA E 35 -10.19 -6.63 -38.27
C ALA E 35 -8.83 -6.09 -38.71
N ASN E 36 -8.54 -4.83 -38.40
CA ASN E 36 -7.29 -4.20 -38.85
C ASN E 36 -6.16 -4.54 -37.86
N GLY E 37 -6.45 -5.35 -36.84
CA GLY E 37 -5.38 -5.83 -35.94
C GLY E 37 -5.28 -5.13 -34.59
N ALA E 38 -6.33 -4.43 -34.18
CA ALA E 38 -6.25 -3.65 -32.92
C ALA E 38 -6.16 -4.59 -31.72
N ASP E 39 -5.38 -4.21 -30.71
CA ASP E 39 -5.31 -5.01 -29.46
C ASP E 39 -6.62 -4.85 -28.68
N VAL E 40 -7.37 -5.93 -28.52
CA VAL E 40 -8.66 -5.90 -27.78
C VAL E 40 -8.40 -5.53 -26.31
N ASN E 41 -7.17 -5.75 -25.85
CA ASN E 41 -6.82 -5.47 -24.44
C ASN E 41 -5.98 -4.19 -24.37
N ALA E 42 -6.20 -3.28 -25.32
CA ALA E 42 -5.51 -1.98 -25.28
C ALA E 42 -5.91 -1.27 -23.98
N LYS E 43 -4.94 -0.62 -23.33
CA LYS E 43 -5.19 0.04 -22.03
C LYS E 43 -5.04 1.55 -22.13
N ASP E 44 -5.90 2.29 -21.43
CA ASP E 44 -5.78 3.76 -21.38
C ASP E 44 -4.89 4.16 -20.20
N ARG E 45 -4.85 5.45 -19.89
CA ARG E 45 -4.04 5.98 -18.76
C ARG E 45 -4.56 5.44 -17.42
N TYR E 46 -5.78 4.94 -17.39
CA TYR E 46 -6.39 4.48 -16.12
C TYR E 46 -6.56 2.96 -16.09
N GLY E 47 -5.96 2.25 -17.04
CA GLY E 47 -6.06 0.78 -17.10
C GLY E 47 -7.40 0.29 -17.64
N ASN E 48 -8.18 1.19 -18.23
CA ASN E 48 -9.46 0.81 -18.85
C ASN E 48 -9.19 0.06 -20.16
N THR E 49 -9.92 -1.03 -20.38
CA THR E 49 -9.82 -1.77 -21.66
C THR E 49 -11.04 -1.36 -22.48
N PRO E 50 -11.06 -1.58 -23.80
CA PRO E 50 -12.27 -1.29 -24.58
C PRO E 50 -13.51 -1.91 -23.91
N LEU E 51 -13.40 -3.12 -23.38
CA LEU E 51 -14.54 -3.81 -22.72
C LEU E 51 -14.99 -3.03 -21.49
N HIS E 52 -14.04 -2.49 -20.75
CA HIS E 52 -14.38 -1.68 -19.55
C HIS E 52 -15.27 -0.53 -19.97
N LEU E 53 -14.85 0.22 -20.99
CA LEU E 53 -15.59 1.44 -21.42
C LEU E 53 -16.95 1.06 -22.01
N ALA E 54 -16.98 0.01 -22.83
CA ALA E 54 -18.25 -0.45 -23.43
C ALA E 54 -19.19 -0.92 -22.33
N ALA E 55 -18.67 -1.66 -21.36
CA ALA E 55 -19.49 -2.19 -20.25
C ALA E 55 -20.03 -1.02 -19.43
N TYR E 56 -19.18 -0.04 -19.17
CA TYR E 56 -19.59 1.16 -18.39
C TYR E 56 -20.63 1.96 -19.17
N MET E 57 -20.44 2.09 -20.48
CA MET E 57 -21.32 2.97 -21.30
C MET E 57 -22.61 2.27 -21.76
N GLY E 58 -22.71 0.95 -21.58
CA GLY E 58 -23.93 0.23 -21.95
C GLY E 58 -23.97 -0.14 -23.43
N HIS E 59 -22.80 -0.30 -24.05
CA HIS E 59 -22.70 -0.69 -25.47
C HIS E 59 -22.59 -2.21 -25.58
N LEU E 60 -23.72 -2.90 -25.62
CA LEU E 60 -23.74 -4.39 -25.62
C LEU E 60 -23.06 -4.99 -26.85
N GLU E 61 -23.39 -4.50 -28.05
CA GLU E 61 -22.85 -5.11 -29.29
C GLU E 61 -21.33 -4.98 -29.30
N ILE E 62 -20.82 -3.86 -28.81
CA ILE E 62 -19.34 -3.70 -28.70
C ILE E 62 -18.80 -4.74 -27.70
N VAL E 63 -19.50 -4.95 -26.60
CA VAL E 63 -19.07 -5.96 -25.59
C VAL E 63 -18.95 -7.31 -26.28
N GLU E 64 -19.96 -7.67 -27.07
CA GLU E 64 -19.98 -8.99 -27.75
C GLU E 64 -18.81 -9.09 -28.74
N VAL E 65 -18.62 -8.06 -29.57
CA VAL E 65 -17.54 -8.08 -30.59
C VAL E 65 -16.20 -8.23 -29.87
N LEU E 66 -16.01 -7.45 -28.82
CA LEU E 66 -14.73 -7.49 -28.07
C LEU E 66 -14.54 -8.89 -27.47
N LEU E 67 -15.58 -9.45 -26.90
CA LEU E 67 -15.48 -10.80 -26.28
C LEU E 67 -15.14 -11.82 -27.37
N LYS E 68 -15.73 -11.65 -28.55
CA LYS E 68 -15.46 -12.58 -29.68
C LYS E 68 -14.01 -12.42 -30.14
N TYR E 69 -13.47 -11.20 -30.02
CA TYR E 69 -12.07 -10.95 -30.41
C TYR E 69 -11.12 -11.31 -29.27
N GLY E 70 -11.64 -11.91 -28.20
CA GLY E 70 -10.75 -12.43 -27.13
C GLY E 70 -10.55 -11.49 -25.95
N ALA E 71 -11.46 -10.55 -25.75
CA ALA E 71 -11.34 -9.58 -24.63
C ALA E 71 -11.22 -10.33 -23.30
N ASP E 72 -10.29 -9.91 -22.45
CA ASP E 72 -10.20 -10.49 -21.09
C ASP E 72 -11.38 -9.99 -20.27
N VAL E 73 -12.31 -10.88 -19.95
CA VAL E 73 -13.54 -10.49 -19.19
C VAL E 73 -13.18 -10.07 -17.76
N ASN E 74 -12.00 -10.42 -17.28
CA ASN E 74 -11.61 -10.13 -15.88
C ASN E 74 -10.44 -9.14 -15.86
N ALA E 75 -10.28 -8.37 -16.93
CA ALA E 75 -9.26 -7.31 -16.97
C ALA E 75 -9.52 -6.32 -15.83
N MET E 76 -8.47 -5.69 -15.33
CA MET E 76 -8.62 -4.80 -14.15
C MET E 76 -8.06 -3.40 -14.40
N ASP E 77 -8.84 -2.38 -14.05
CA ASP E 77 -8.39 -0.98 -14.15
C ASP E 77 -7.45 -0.69 -12.97
N HIS E 78 -7.05 0.57 -12.78
CA HIS E 78 -6.07 0.93 -11.73
C HIS E 78 -6.70 0.84 -10.32
N TRP E 79 -7.96 0.45 -10.22
CA TRP E 79 -8.65 0.35 -8.91
C TRP E 79 -9.17 -1.08 -8.71
N GLY E 80 -8.61 -2.05 -9.45
CA GLY E 80 -9.00 -3.47 -9.30
C GLY E 80 -10.39 -3.77 -9.81
N ARG E 81 -10.93 -2.88 -10.62
CA ARG E 81 -12.32 -3.05 -11.07
C ARG E 81 -12.34 -3.81 -12.39
N THR E 82 -13.26 -4.76 -12.52
CA THR E 82 -13.43 -5.53 -13.76
C THR E 82 -14.55 -4.90 -14.55
N PRO E 83 -14.74 -5.27 -15.83
CA PRO E 83 -15.87 -4.77 -16.59
C PRO E 83 -17.19 -5.11 -15.87
N LEU E 84 -17.22 -6.20 -15.11
CA LEU E 84 -18.42 -6.56 -14.32
C LEU E 84 -18.74 -5.44 -13.32
N HIS E 85 -17.75 -5.02 -12.55
CA HIS E 85 -17.96 -3.94 -11.55
C HIS E 85 -18.56 -2.72 -12.24
N LEU E 86 -17.99 -2.32 -13.36
CA LEU E 86 -18.44 -1.09 -14.06
C LEU E 86 -19.88 -1.27 -14.57
N ALA E 87 -20.14 -2.39 -15.22
CA ALA E 87 -21.51 -2.67 -15.70
C ALA E 87 -22.50 -2.59 -14.54
N ALA E 88 -22.09 -3.08 -13.37
CA ALA E 88 -22.98 -3.08 -12.19
C ALA E 88 -23.16 -1.65 -11.69
N SER E 89 -22.07 -0.88 -11.67
CA SER E 89 -22.11 0.54 -11.22
C SER E 89 -23.12 1.33 -12.06
N ARG E 90 -23.22 1.03 -13.34
CA ARG E 90 -24.11 1.80 -14.25
C ARG E 90 -25.41 1.03 -14.49
N GLY E 91 -25.62 -0.07 -13.78
CA GLY E 91 -26.88 -0.84 -13.88
C GLY E 91 -27.19 -1.42 -15.25
N HIS E 92 -26.19 -1.95 -15.95
CA HIS E 92 -26.43 -2.59 -17.27
C HIS E 92 -26.59 -4.11 -17.09
N LEU E 93 -27.81 -4.59 -16.83
CA LEU E 93 -28.07 -6.02 -16.58
C LEU E 93 -27.66 -6.88 -17.78
N ASP E 94 -28.04 -6.47 -18.97
CA ASP E 94 -27.76 -7.31 -20.16
C ASP E 94 -26.26 -7.60 -20.24
N ILE E 95 -25.44 -6.57 -20.08
CA ILE E 95 -23.97 -6.74 -20.19
C ILE E 95 -23.48 -7.60 -19.02
N VAL E 96 -24.06 -7.41 -17.83
CA VAL E 96 -23.67 -8.20 -16.64
C VAL E 96 -23.89 -9.68 -16.94
N GLU E 97 -25.01 -10.02 -17.55
CA GLU E 97 -25.34 -11.45 -17.83
C GLU E 97 -24.34 -12.02 -18.85
N VAL E 98 -24.09 -11.29 -19.93
CA VAL E 98 -23.11 -11.75 -20.95
C VAL E 98 -21.77 -11.99 -20.27
N LEU E 99 -21.32 -11.02 -19.48
CA LEU E 99 -20.00 -11.11 -18.82
C LEU E 99 -19.98 -12.34 -17.92
N LEU E 100 -21.03 -12.54 -17.15
CA LEU E 100 -21.09 -13.67 -16.20
C LEU E 100 -21.01 -14.99 -16.98
N LYS E 101 -21.77 -15.10 -18.06
CA LYS E 101 -21.82 -16.36 -18.82
C LYS E 101 -20.49 -16.57 -19.55
N HIS E 102 -19.70 -15.51 -19.70
CA HIS E 102 -18.37 -15.62 -20.36
C HIS E 102 -17.27 -15.75 -19.30
N GLY E 103 -17.61 -16.00 -18.04
CA GLY E 103 -16.59 -16.29 -17.02
C GLY E 103 -16.14 -15.13 -16.16
N ALA E 104 -16.97 -14.09 -16.01
CA ALA E 104 -16.63 -12.98 -15.12
C ALA E 104 -16.42 -13.47 -13.68
N ASP E 105 -15.35 -13.02 -13.02
CA ASP E 105 -15.07 -13.38 -11.61
C ASP E 105 -16.07 -12.64 -10.72
N VAL E 106 -17.16 -13.29 -10.34
CA VAL E 106 -18.25 -12.60 -9.59
C VAL E 106 -17.76 -12.12 -8.22
N ASN E 107 -16.81 -12.82 -7.61
CA ASN E 107 -16.43 -12.48 -6.22
C ASN E 107 -15.14 -11.64 -6.22
N ALA E 108 -14.78 -11.09 -7.37
CA ALA E 108 -13.58 -10.25 -7.44
C ALA E 108 -13.80 -8.98 -6.61
N GLN E 109 -12.83 -8.65 -5.77
CA GLN E 109 -12.94 -7.46 -4.91
C GLN E 109 -12.02 -6.36 -5.46
N ASP E 110 -12.53 -5.13 -5.54
CA ASP E 110 -11.74 -3.99 -6.08
C ASP E 110 -10.78 -3.47 -5.00
N LYS E 111 -10.05 -2.39 -5.31
CA LYS E 111 -9.05 -1.85 -4.37
C LYS E 111 -9.76 -1.18 -3.19
N PHE E 112 -11.09 -1.20 -3.18
CA PHE E 112 -11.87 -0.69 -2.03
C PHE E 112 -12.55 -1.89 -1.34
N GLY E 113 -12.19 -3.12 -1.75
CA GLY E 113 -12.75 -4.36 -1.16
C GLY E 113 -14.16 -4.66 -1.63
N LYS E 114 -14.65 -3.93 -2.62
CA LYS E 114 -16.05 -4.07 -3.06
C LYS E 114 -16.19 -5.06 -4.23
N THR E 115 -17.25 -5.86 -4.17
CA THR E 115 -17.57 -6.77 -5.30
C THR E 115 -18.69 -6.10 -6.09
N ALA E 116 -18.97 -6.60 -7.28
CA ALA E 116 -20.11 -6.09 -8.07
C ALA E 116 -21.39 -6.19 -7.25
N PHE E 117 -21.54 -7.24 -6.45
CA PHE E 117 -22.73 -7.37 -5.57
C PHE E 117 -22.79 -6.17 -4.63
N ASP E 118 -21.69 -5.85 -3.97
CA ASP E 118 -21.64 -4.70 -3.04
C ASP E 118 -22.08 -3.43 -3.76
N ILE E 119 -21.50 -3.16 -4.92
CA ILE E 119 -21.87 -1.97 -5.73
C ILE E 119 -23.37 -1.98 -5.97
N SER E 120 -23.91 -3.14 -6.31
CA SER E 120 -25.37 -3.29 -6.54
C SER E 120 -26.16 -2.89 -5.29
N ILE E 121 -25.78 -3.41 -4.13
CA ILE E 121 -26.53 -3.10 -2.87
C ILE E 121 -26.42 -1.60 -2.64
N ASP E 122 -25.23 -1.05 -2.83
CA ASP E 122 -24.99 0.39 -2.60
C ASP E 122 -25.92 1.22 -3.49
N ASN E 123 -25.96 0.91 -4.79
CA ASN E 123 -26.78 1.71 -5.73
C ASN E 123 -28.25 1.29 -5.64
N GLY E 124 -28.56 0.24 -4.90
CA GLY E 124 -29.95 -0.19 -4.69
C GLY E 124 -30.56 -1.01 -5.82
N ASN E 125 -29.73 -1.49 -6.74
CA ASN E 125 -30.24 -2.36 -7.83
C ASN E 125 -30.52 -3.75 -7.25
N GLU E 126 -31.78 -3.99 -6.90
CA GLU E 126 -32.18 -5.30 -6.35
C GLU E 126 -32.06 -6.35 -7.44
N ASP E 127 -32.54 -6.02 -8.62
CA ASP E 127 -32.48 -6.97 -9.76
C ASP E 127 -31.05 -7.45 -9.93
N LEU E 128 -30.10 -6.51 -9.97
CA LEU E 128 -28.70 -6.90 -10.24
C LEU E 128 -28.16 -7.67 -9.03
N ALA E 129 -28.51 -7.24 -7.83
CA ALA E 129 -28.06 -7.95 -6.60
C ALA E 129 -28.54 -9.39 -6.65
N GLU E 130 -29.77 -9.62 -7.09
CA GLU E 130 -30.35 -10.98 -7.10
C GLU E 130 -29.57 -11.84 -8.10
N ILE E 131 -29.27 -11.30 -9.28
CA ILE E 131 -28.54 -12.08 -10.31
C ILE E 131 -27.16 -12.41 -9.74
N LEU E 132 -26.48 -11.42 -9.18
CA LEU E 132 -25.12 -11.64 -8.63
C LEU E 132 -25.23 -12.54 -7.40
N GLN E 133 -26.40 -12.54 -6.74
CA GLN E 133 -26.62 -13.41 -5.57
C GLN E 133 -27.63 -14.50 -5.97
N ASP F 13 25.22 -5.86 -31.78
CA ASP F 13 25.32 -7.31 -32.09
C ASP F 13 23.93 -7.90 -32.21
N LEU F 14 23.84 -9.12 -32.75
CA LEU F 14 22.53 -9.79 -32.87
C LEU F 14 21.95 -10.06 -31.47
N GLY F 15 22.81 -10.30 -30.50
CA GLY F 15 22.34 -10.51 -29.11
C GLY F 15 21.57 -9.32 -28.60
N LYS F 16 22.13 -8.12 -28.79
CA LYS F 16 21.47 -6.88 -28.32
C LYS F 16 20.17 -6.67 -29.09
N LYS F 17 20.19 -6.98 -30.38
CA LYS F 17 18.96 -6.86 -31.19
C LYS F 17 17.91 -7.84 -30.66
N LEU F 18 18.30 -9.08 -30.39
CA LEU F 18 17.36 -10.10 -29.91
C LEU F 18 16.71 -9.65 -28.59
N LEU F 19 17.52 -9.19 -27.64
CA LEU F 19 17.00 -8.74 -26.33
C LEU F 19 16.00 -7.61 -26.55
N GLU F 20 16.38 -6.64 -27.39
CA GLU F 20 15.49 -5.49 -27.70
C GLU F 20 14.22 -6.02 -28.38
N ALA F 21 14.38 -6.93 -29.35
CA ALA F 21 13.22 -7.50 -30.02
C ALA F 21 12.32 -8.30 -29.04
N ALA F 22 12.93 -9.08 -28.16
CA ALA F 22 12.16 -9.84 -27.17
C ALA F 22 11.43 -8.92 -26.19
N ARG F 23 12.10 -7.86 -25.69
CA ARG F 23 11.43 -6.91 -24.79
C ARG F 23 10.28 -6.21 -25.52
N ALA F 24 10.53 -5.77 -26.78
CA ALA F 24 9.57 -5.04 -27.57
C ALA F 24 8.40 -5.85 -28.09
N GLY F 25 8.51 -7.18 -28.09
CA GLY F 25 7.43 -8.02 -28.60
C GLY F 25 7.42 -8.11 -30.10
N GLN F 26 8.60 -8.00 -30.73
CA GLN F 26 8.75 -8.07 -32.19
C GLN F 26 8.93 -9.52 -32.62
N ASP F 27 7.82 -10.25 -32.73
CA ASP F 27 7.82 -11.69 -33.08
C ASP F 27 8.63 -12.03 -34.35
N ASP F 28 8.43 -11.27 -35.44
CA ASP F 28 9.13 -11.48 -36.69
C ASP F 28 10.63 -11.31 -36.52
N GLU F 29 11.02 -10.22 -35.87
CA GLU F 29 12.46 -9.92 -35.67
C GLU F 29 13.12 -11.04 -34.87
N VAL F 30 12.49 -11.48 -33.79
CA VAL F 30 13.06 -12.56 -32.98
C VAL F 30 13.29 -13.79 -33.84
N ARG F 31 12.28 -14.18 -34.61
CA ARG F 31 12.42 -15.33 -35.53
C ARG F 31 13.56 -15.16 -36.51
N ILE F 32 13.73 -13.95 -37.10
CA ILE F 32 14.81 -13.69 -38.04
C ILE F 32 16.15 -13.75 -37.35
N LEU F 33 16.28 -13.13 -36.17
CA LEU F 33 17.54 -13.15 -35.44
C LEU F 33 17.92 -14.57 -35.02
N MET F 34 16.93 -15.37 -34.62
CA MET F 34 17.19 -16.75 -34.23
C MET F 34 17.63 -17.56 -35.43
N ALA F 35 16.93 -17.42 -36.56
CA ALA F 35 17.34 -18.12 -37.78
C ALA F 35 18.73 -17.65 -38.26
N ASN F 36 19.12 -16.40 -37.96
CA ASN F 36 20.41 -15.88 -38.37
C ASN F 36 21.55 -16.18 -37.40
N GLY F 37 21.31 -16.96 -36.36
CA GLY F 37 22.37 -17.35 -35.43
C GLY F 37 22.59 -16.51 -34.18
N ALA F 38 21.57 -15.73 -33.75
CA ALA F 38 21.72 -14.94 -32.52
C ALA F 38 21.83 -15.90 -31.31
N ASP F 39 22.58 -15.51 -30.25
CA ASP F 39 22.73 -16.34 -29.07
C ASP F 39 21.43 -16.29 -28.27
N VAL F 40 20.74 -17.43 -28.13
CA VAL F 40 19.46 -17.48 -27.42
C VAL F 40 19.59 -17.09 -25.95
N ASN F 41 20.78 -17.27 -25.35
CA ASN F 41 21.00 -16.91 -23.96
C ASN F 41 21.84 -15.64 -23.81
N ALA F 42 21.70 -14.71 -24.76
CA ALA F 42 22.42 -13.43 -24.70
C ALA F 42 21.96 -12.66 -23.47
N LYS F 43 22.89 -12.05 -22.76
CA LYS F 43 22.57 -11.33 -21.53
C LYS F 43 22.78 -9.83 -21.65
N ASP F 44 21.84 -9.06 -21.08
CA ASP F 44 21.98 -7.63 -21.00
C ASP F 44 22.85 -7.29 -19.73
N ARG F 45 22.99 -6.00 -19.40
N ARG F 45 22.99 -6.00 -19.40
CA ARG F 45 23.86 -5.56 -18.27
CA ARG F 45 23.86 -5.57 -18.28
C ARG F 45 23.36 -6.11 -16.93
C ARG F 45 23.37 -6.11 -16.93
N TYR F 46 22.09 -6.45 -16.86
CA TYR F 46 21.48 -6.93 -15.60
C TYR F 46 21.32 -8.47 -15.54
N GLY F 47 21.84 -9.17 -16.54
CA GLY F 47 21.73 -10.63 -16.56
C GLY F 47 20.41 -11.13 -17.11
N ASN F 48 19.60 -10.25 -17.75
CA ASN F 48 18.37 -10.71 -18.37
C ASN F 48 18.73 -11.37 -19.69
N THR F 49 18.14 -12.53 -19.95
CA THR F 49 18.25 -13.18 -21.25
C THR F 49 16.99 -12.74 -22.05
N PRO F 50 16.91 -13.00 -23.37
CA PRO F 50 15.67 -12.66 -24.09
C PRO F 50 14.43 -13.33 -23.47
N LEU F 51 14.59 -14.54 -22.91
CA LEU F 51 13.50 -15.26 -22.28
C LEU F 51 13.03 -14.53 -21.03
N HIS F 52 13.97 -13.94 -20.25
CA HIS F 52 13.60 -13.12 -19.07
C HIS F 52 12.73 -11.96 -19.53
N LEU F 53 13.20 -11.20 -20.55
CA LEU F 53 12.48 -10.03 -21.06
C LEU F 53 11.11 -10.36 -21.64
N ALA F 54 10.99 -11.44 -22.44
CA ALA F 54 9.71 -11.84 -23.02
C ALA F 54 8.74 -12.36 -21.93
N ALA F 55 9.26 -13.10 -20.95
CA ALA F 55 8.41 -13.61 -19.85
C ALA F 55 7.92 -12.44 -19.02
N TYR F 56 8.78 -11.47 -18.70
CA TYR F 56 8.33 -10.29 -17.92
C TYR F 56 7.31 -9.46 -18.71
N MET F 57 7.52 -9.27 -20.01
CA MET F 57 6.65 -8.38 -20.82
C MET F 57 5.41 -9.12 -21.31
N GLY F 58 5.34 -10.42 -21.06
CA GLY F 58 4.14 -11.14 -21.47
C GLY F 58 4.07 -11.51 -22.94
N HIS F 59 5.22 -11.69 -23.61
CA HIS F 59 5.24 -12.06 -25.02
C HIS F 59 5.29 -13.57 -25.23
N LEU F 60 4.12 -14.20 -25.22
CA LEU F 60 3.99 -15.66 -25.25
C LEU F 60 4.61 -16.34 -26.48
N GLU F 61 4.30 -15.88 -27.72
CA GLU F 61 4.88 -16.49 -28.92
C GLU F 61 6.42 -16.40 -28.89
N ILE F 62 6.97 -15.27 -28.41
CA ILE F 62 8.43 -15.09 -28.30
C ILE F 62 9.01 -16.07 -27.31
N VAL F 63 8.30 -16.31 -26.19
CA VAL F 63 8.72 -17.30 -25.18
C VAL F 63 8.82 -18.69 -25.86
N GLU F 64 7.80 -19.06 -26.62
CA GLU F 64 7.79 -20.33 -27.34
C GLU F 64 8.94 -20.45 -28.34
N VAL F 65 9.25 -19.37 -29.08
CA VAL F 65 10.32 -19.41 -30.08
C VAL F 65 11.64 -19.57 -29.40
N LEU F 66 11.88 -18.78 -28.34
CA LEU F 66 13.14 -18.86 -27.61
C LEU F 66 13.29 -20.24 -26.99
N LEU F 67 12.21 -20.81 -26.46
CA LEU F 67 12.25 -22.16 -25.91
C LEU F 67 12.56 -23.21 -26.99
N LYS F 68 12.03 -23.07 -28.22
CA LYS F 68 12.36 -24.02 -29.30
C LYS F 68 13.84 -23.93 -29.69
N TYR F 69 14.45 -22.74 -29.54
CA TYR F 69 15.87 -22.51 -29.89
C TYR F 69 16.86 -22.84 -28.80
N GLY F 70 16.43 -23.58 -27.78
CA GLY F 70 17.29 -24.04 -26.71
C GLY F 70 17.50 -23.08 -25.56
N ALA F 71 16.61 -22.09 -25.37
CA ALA F 71 16.78 -21.14 -24.26
C ALA F 71 16.81 -21.83 -22.90
N ASP F 72 17.67 -21.36 -22.01
CA ASP F 72 17.77 -21.91 -20.67
C ASP F 72 16.53 -21.44 -19.90
N VAL F 73 15.63 -22.33 -19.57
CA VAL F 73 14.40 -22.01 -18.85
C VAL F 73 14.65 -21.55 -17.39
N ASN F 74 15.83 -21.90 -16.83
CA ASN F 74 16.20 -21.54 -15.47
C ASN F 74 17.35 -20.55 -15.45
N ALA F 75 17.47 -19.71 -16.50
CA ALA F 75 18.50 -18.67 -16.54
C ALA F 75 18.20 -17.67 -15.43
N MET F 76 19.25 -17.13 -14.84
CA MET F 76 19.11 -16.23 -13.71
C MET F 76 19.67 -14.86 -13.95
N ASP F 77 18.90 -13.83 -13.60
CA ASP F 77 19.37 -12.45 -13.71
C ASP F 77 20.35 -12.14 -12.52
N HIS F 78 20.85 -10.90 -12.39
CA HIS F 78 21.76 -10.54 -11.31
C HIS F 78 21.17 -10.68 -9.91
N TRP F 79 19.85 -10.89 -9.79
CA TRP F 79 19.21 -11.08 -8.50
C TRP F 79 18.69 -12.52 -8.30
N GLY F 80 19.21 -13.49 -9.07
CA GLY F 80 18.81 -14.89 -8.96
C GLY F 80 17.39 -15.20 -9.44
N ARG F 81 16.77 -14.27 -10.17
CA ARG F 81 15.42 -14.48 -10.68
C ARG F 81 15.42 -15.20 -12.05
N THR F 82 14.63 -16.26 -12.16
CA THR F 82 14.44 -17.00 -13.38
C THR F 82 13.29 -16.35 -14.17
N PRO F 83 13.10 -16.75 -15.45
CA PRO F 83 11.92 -16.27 -16.19
C PRO F 83 10.61 -16.58 -15.49
N LEU F 84 10.57 -17.66 -14.69
CA LEU F 84 9.38 -18.03 -13.92
C LEU F 84 9.07 -16.95 -12.89
N HIS F 85 10.08 -16.50 -12.15
CA HIS F 85 9.89 -15.41 -11.15
C HIS F 85 9.35 -14.15 -11.83
N LEU F 86 9.97 -13.79 -12.97
CA LEU F 86 9.57 -12.59 -13.69
C LEU F 86 8.17 -12.70 -14.21
N ALA F 87 7.79 -13.83 -14.83
CA ALA F 87 6.44 -14.00 -15.35
C ALA F 87 5.38 -14.04 -14.25
N ALA F 88 5.73 -14.65 -13.12
CA ALA F 88 4.83 -14.70 -11.97
C ALA F 88 4.68 -13.30 -11.38
N SER F 89 5.76 -12.52 -11.33
CA SER F 89 5.69 -11.15 -10.82
C SER F 89 4.70 -10.29 -11.61
N ARG F 90 4.60 -10.54 -12.94
CA ARG F 90 3.71 -9.75 -13.79
C ARG F 90 2.35 -10.44 -14.08
N GLY F 91 2.09 -11.58 -13.45
CA GLY F 91 0.83 -12.30 -13.55
C GLY F 91 0.56 -12.90 -14.92
N HIS F 92 1.63 -13.29 -15.62
CA HIS F 92 1.49 -13.88 -16.95
C HIS F 92 1.28 -15.38 -16.82
N LEU F 93 0.03 -15.80 -16.59
CA LEU F 93 -0.38 -17.20 -16.39
C LEU F 93 -0.01 -18.18 -17.50
N ASP F 94 -0.26 -17.85 -18.78
CA ASP F 94 0.06 -18.77 -19.87
C ASP F 94 1.56 -18.99 -19.96
N ILE F 95 2.33 -17.93 -19.79
CA ILE F 95 3.78 -18.06 -19.83
C ILE F 95 4.29 -18.90 -18.69
N VAL F 96 3.74 -18.71 -17.48
CA VAL F 96 4.07 -19.50 -16.30
C VAL F 96 3.85 -21.02 -16.59
N GLU F 97 2.72 -21.37 -17.20
CA GLU F 97 2.41 -22.76 -17.55
C GLU F 97 3.37 -23.34 -18.56
N VAL F 98 3.76 -22.57 -19.60
CA VAL F 98 4.70 -23.04 -20.62
C VAL F 98 6.07 -23.29 -19.99
N LEU F 99 6.50 -22.36 -19.12
CA LEU F 99 7.78 -22.49 -18.44
C LEU F 99 7.76 -23.72 -17.52
N LEU F 100 6.66 -23.92 -16.79
CA LEU F 100 6.53 -25.06 -15.88
C LEU F 100 6.61 -26.40 -16.62
N LYS F 101 5.88 -26.54 -17.73
CA LYS F 101 5.92 -27.77 -18.54
C LYS F 101 7.29 -27.99 -19.20
N HIS F 102 8.10 -26.93 -19.29
CA HIS F 102 9.44 -27.08 -19.93
C HIS F 102 10.54 -27.21 -18.88
N GLY F 103 10.20 -27.52 -17.63
CA GLY F 103 11.24 -27.80 -16.63
C GLY F 103 11.63 -26.63 -15.75
N ALA F 104 10.73 -25.67 -15.57
CA ALA F 104 11.04 -24.53 -14.69
C ALA F 104 11.18 -25.00 -13.23
N ASP F 105 12.27 -24.62 -12.58
CA ASP F 105 12.51 -24.96 -11.15
C ASP F 105 11.55 -24.16 -10.28
N VAL F 106 10.43 -24.76 -9.90
CA VAL F 106 9.37 -24.05 -9.12
C VAL F 106 9.90 -23.66 -7.73
N ASN F 107 10.93 -24.32 -7.23
CA ASN F 107 11.40 -24.05 -5.84
C ASN F 107 12.64 -23.17 -5.86
N ALA F 108 12.99 -22.62 -7.00
CA ALA F 108 14.15 -21.71 -7.10
C ALA F 108 13.92 -20.48 -6.21
N GLN F 109 14.92 -20.14 -5.40
CA GLN F 109 14.82 -18.97 -4.49
C GLN F 109 15.72 -17.85 -5.00
N ASP F 110 15.16 -16.64 -5.12
CA ASP F 110 15.94 -15.48 -5.62
C ASP F 110 16.88 -14.98 -4.53
N LYS F 111 17.65 -13.93 -4.81
CA LYS F 111 18.65 -13.41 -3.86
C LYS F 111 17.93 -12.73 -2.67
N PHE F 112 16.60 -12.71 -2.70
CA PHE F 112 15.81 -12.20 -1.55
C PHE F 112 15.16 -13.40 -0.86
N GLY F 113 15.46 -14.61 -1.32
CA GLY F 113 14.91 -15.84 -0.71
C GLY F 113 13.52 -16.18 -1.18
N LYS F 114 13.00 -15.46 -2.17
CA LYS F 114 11.61 -15.68 -2.59
C LYS F 114 11.47 -16.61 -3.79
N THR F 115 10.38 -17.35 -3.83
CA THR F 115 10.06 -18.24 -4.96
C THR F 115 8.91 -17.58 -5.73
N ALA F 116 8.56 -18.13 -6.87
CA ALA F 116 7.42 -17.61 -7.66
C ALA F 116 6.14 -17.75 -6.85
N PHE F 117 6.02 -18.80 -6.04
CA PHE F 117 4.82 -18.93 -5.17
C PHE F 117 4.77 -17.75 -4.18
N ASP F 118 5.92 -17.39 -3.60
CA ASP F 118 5.99 -16.24 -2.65
C ASP F 118 5.52 -14.99 -3.38
N ILE F 119 6.09 -14.72 -4.56
CA ILE F 119 5.66 -13.56 -5.40
C ILE F 119 4.14 -13.63 -5.62
N SER F 120 3.62 -14.81 -5.95
CA SER F 120 2.17 -14.96 -6.20
C SER F 120 1.36 -14.56 -4.97
N ILE F 121 1.73 -15.08 -3.80
CA ILE F 121 1.01 -14.78 -2.53
C ILE F 121 1.08 -13.28 -2.30
N ASP F 122 2.26 -12.73 -2.56
CA ASP F 122 2.48 -11.27 -2.37
C ASP F 122 1.52 -10.48 -3.26
N ASN F 123 1.29 -10.90 -4.50
CA ASN F 123 0.46 -10.09 -5.43
C ASN F 123 -1.00 -10.52 -5.38
N GLY F 124 -1.34 -11.46 -4.50
CA GLY F 124 -2.73 -11.93 -4.37
C GLY F 124 -3.19 -12.63 -5.64
N ASN F 125 -2.29 -13.32 -6.30
CA ASN F 125 -2.66 -14.08 -7.52
C ASN F 125 -3.07 -15.49 -7.11
N GLU F 126 -4.37 -15.73 -7.00
CA GLU F 126 -4.90 -17.06 -6.62
C GLU F 126 -4.56 -18.07 -7.70
N ASP F 127 -4.98 -17.81 -8.93
CA ASP F 127 -4.75 -18.75 -10.05
C ASP F 127 -3.27 -19.13 -10.14
N LEU F 128 -2.36 -18.17 -9.95
CA LEU F 128 -0.91 -18.43 -10.05
C LEU F 128 -0.45 -19.31 -8.89
N ALA F 129 -0.84 -18.94 -7.66
CA ALA F 129 -0.48 -19.73 -6.48
C ALA F 129 -0.91 -21.18 -6.70
N GLU F 130 -2.15 -21.38 -7.14
CA GLU F 130 -2.68 -22.76 -7.34
C GLU F 130 -1.76 -23.54 -8.28
N ILE F 131 -1.51 -23.00 -9.48
CA ILE F 131 -0.67 -23.72 -10.47
C ILE F 131 0.69 -24.02 -9.83
N LEU F 132 1.33 -23.03 -9.25
CA LEU F 132 2.68 -23.21 -8.65
C LEU F 132 2.56 -24.16 -7.46
N GLN F 133 1.36 -24.33 -6.93
CA GLN F 133 1.15 -25.29 -5.81
C GLN F 133 0.86 -26.67 -6.40
N ASP G 13 20.94 -39.93 -1.42
CA ASP G 13 21.34 -39.53 -0.04
C ASP G 13 20.10 -39.38 0.82
N LEU G 14 20.19 -39.72 2.11
CA LEU G 14 19.00 -39.68 3.00
C LEU G 14 18.64 -38.23 3.32
N GLY G 15 19.64 -37.35 3.36
CA GLY G 15 19.39 -35.92 3.65
C GLY G 15 18.49 -35.33 2.60
N LYS G 16 18.82 -35.59 1.32
CA LYS G 16 18.01 -35.07 0.21
C LYS G 16 16.60 -35.64 0.34
N LYS G 17 16.52 -36.93 0.63
CA LYS G 17 15.21 -37.59 0.81
C LYS G 17 14.47 -36.95 1.99
N LEU G 18 15.16 -36.71 3.10
CA LEU G 18 14.51 -36.15 4.30
C LEU G 18 13.92 -34.78 3.99
N LEU G 19 14.70 -33.94 3.32
CA LEU G 19 14.25 -32.57 2.97
C LEU G 19 13.01 -32.68 2.09
N GLU G 20 13.07 -33.55 1.09
CA GLU G 20 11.92 -33.73 0.17
C GLU G 20 10.71 -34.18 0.99
N ALA G 21 10.93 -35.11 1.92
CA ALA G 21 9.83 -35.66 2.73
C ALA G 21 9.28 -34.59 3.65
N ALA G 22 10.19 -33.82 4.24
CA ALA G 22 9.77 -32.73 5.14
C ALA G 22 8.92 -31.74 4.34
N ARG G 23 9.37 -31.42 3.13
CA ARG G 23 8.64 -30.41 2.31
C ARG G 23 7.28 -30.95 1.90
N ALA G 24 7.22 -32.25 1.60
CA ALA G 24 5.97 -32.83 1.06
C ALA G 24 5.01 -33.31 2.15
N GLY G 25 5.48 -33.38 3.40
CA GLY G 25 4.57 -33.77 4.48
C GLY G 25 4.43 -35.27 4.56
N GLN G 26 5.48 -35.99 4.15
CA GLN G 26 5.50 -37.47 4.23
C GLN G 26 5.95 -37.87 5.65
N ASP G 27 5.08 -37.70 6.64
CA ASP G 27 5.41 -37.98 8.06
C ASP G 27 6.09 -39.35 8.25
N ASP G 28 5.57 -40.40 7.63
CA ASP G 28 6.11 -41.76 7.87
C ASP G 28 7.49 -41.90 7.22
N GLU G 29 7.65 -41.37 6.01
CA GLU G 29 9.00 -41.42 5.37
C GLU G 29 9.99 -40.68 6.29
N VAL G 30 9.56 -39.56 6.85
CA VAL G 30 10.45 -38.75 7.72
C VAL G 30 10.94 -39.67 8.84
N ARG G 31 10.02 -40.28 9.57
CA ARG G 31 10.40 -41.23 10.65
CA ARG G 31 10.40 -41.23 10.65
C ARG G 31 11.31 -42.41 10.20
N ILE G 32 11.01 -42.91 9.01
CA ILE G 32 11.84 -44.04 8.48
C ILE G 32 13.24 -43.52 8.19
N LEU G 33 13.34 -42.34 7.58
CA LEU G 33 14.68 -41.83 7.19
C LEU G 33 15.44 -41.52 8.48
N MET G 34 14.80 -40.86 9.43
CA MET G 34 15.44 -40.64 10.75
CA MET G 34 15.44 -40.64 10.75
C MET G 34 16.03 -41.93 11.41
N ALA G 35 15.23 -42.98 11.28
CA ALA G 35 15.67 -44.27 11.86
C ALA G 35 16.81 -44.87 11.04
N ASN G 36 16.95 -44.43 9.80
CA ASN G 36 17.99 -45.02 8.92
C ASN G 36 19.25 -44.15 8.98
N GLY G 37 19.28 -43.14 9.84
CA GLY G 37 20.51 -42.35 10.03
C GLY G 37 20.55 -41.01 9.30
N ALA G 38 19.39 -40.51 8.86
CA ALA G 38 19.38 -39.26 8.07
C ALA G 38 19.70 -38.06 8.97
N ASP G 39 20.54 -37.16 8.49
CA ASP G 39 20.94 -35.96 9.27
C ASP G 39 19.73 -35.04 9.40
N VAL G 40 19.23 -34.88 10.63
CA VAL G 40 18.06 -34.00 10.90
C VAL G 40 18.39 -32.58 10.46
N ASN G 41 19.68 -32.25 10.32
CA ASN G 41 20.08 -30.87 9.98
C ASN G 41 20.72 -30.85 8.59
N ALA G 42 20.19 -31.69 7.71
CA ALA G 42 20.70 -31.70 6.32
C ALA G 42 20.29 -30.38 5.66
N LYS G 43 21.16 -29.84 4.84
CA LYS G 43 20.88 -28.56 4.16
CA LYS G 43 20.87 -28.56 4.16
C LYS G 43 20.82 -28.56 2.61
N ASP G 44 19.79 -27.89 2.11
CA ASP G 44 19.66 -27.77 0.64
C ASP G 44 20.59 -26.68 0.12
N ARG G 45 20.51 -26.37 -1.17
CA ARG G 45 21.38 -25.35 -1.81
C ARG G 45 21.20 -23.98 -1.15
N TYR G 46 20.02 -23.71 -0.61
CA TYR G 46 19.70 -22.39 -0.02
C TYR G 46 19.87 -22.41 1.51
N GLY G 47 20.47 -23.47 2.05
CA GLY G 47 20.66 -23.59 3.50
C GLY G 47 19.39 -23.99 4.23
N ASN G 48 18.36 -24.38 3.49
CA ASN G 48 17.11 -24.87 4.10
C ASN G 48 17.34 -26.22 4.77
N THR G 49 16.88 -26.37 6.01
CA THR G 49 16.95 -27.66 6.73
C THR G 49 15.55 -28.28 6.69
N PRO G 50 15.38 -29.56 7.03
CA PRO G 50 14.06 -30.16 7.07
C PRO G 50 13.07 -29.37 7.94
N LEU G 51 13.55 -28.81 9.05
CA LEU G 51 12.68 -27.99 9.93
C LEU G 51 12.23 -26.72 9.19
N HIS G 52 13.13 -26.11 8.42
CA HIS G 52 12.78 -24.89 7.64
C HIS G 52 11.62 -25.24 6.71
N LEU G 53 11.76 -26.32 5.95
CA LEU G 53 10.74 -26.70 4.92
C LEU G 53 9.43 -27.11 5.58
N ALA G 54 9.49 -27.90 6.65
CA ALA G 54 8.25 -28.35 7.33
C ALA G 54 7.54 -27.14 7.92
N ALA G 55 8.31 -26.21 8.48
CA ALA G 55 7.71 -25.03 9.13
C ALA G 55 7.05 -24.14 8.08
N TYR G 56 7.68 -24.00 6.93
CA TYR G 56 7.13 -23.18 5.82
C TYR G 56 5.90 -23.87 5.25
N MET G 57 5.97 -25.19 5.09
CA MET G 57 4.87 -25.95 4.45
C MET G 57 3.73 -26.20 5.44
N GLY G 58 3.94 -25.99 6.74
CA GLY G 58 2.84 -26.15 7.71
C GLY G 58 2.71 -27.56 8.25
N HIS G 59 3.79 -28.33 8.23
CA HIS G 59 3.73 -29.76 8.66
C HIS G 59 4.10 -29.85 10.15
N LEU G 60 3.12 -29.67 11.03
CA LEU G 60 3.36 -29.63 12.49
C LEU G 60 4.01 -30.91 13.03
N GLU G 61 3.48 -32.07 12.68
CA GLU G 61 3.98 -33.33 13.29
C GLU G 61 5.42 -33.58 12.83
N ILE G 62 5.75 -33.19 11.62
CA ILE G 62 7.15 -33.34 11.14
C ILE G 62 8.05 -32.39 11.95
N VAL G 63 7.56 -31.19 12.23
CA VAL G 63 8.34 -30.20 13.05
C VAL G 63 8.65 -30.83 14.42
N GLU G 64 7.63 -31.38 15.08
CA GLU G 64 7.81 -32.02 16.40
C GLU G 64 8.84 -33.16 16.33
N VAL G 65 8.70 -34.07 15.36
CA VAL G 65 9.60 -35.25 15.24
C VAL G 65 11.02 -34.76 15.01
N LEU G 66 11.19 -33.80 14.11
CA LEU G 66 12.53 -33.29 13.77
C LEU G 66 13.15 -32.69 15.04
N LEU G 67 12.38 -31.91 15.78
CA LEU G 67 12.92 -31.29 17.01
C LEU G 67 13.30 -32.40 18.00
N LYS G 68 12.48 -33.44 18.12
CA LYS G 68 12.78 -34.57 19.03
C LYS G 68 14.08 -35.24 18.59
N TYR G 69 14.37 -35.26 17.29
CA TYR G 69 15.58 -35.97 16.80
C TYR G 69 16.77 -35.02 16.69
N GLY G 70 16.70 -33.85 17.33
CA GLY G 70 17.88 -32.96 17.41
C GLY G 70 17.95 -31.85 16.38
N ALA G 71 16.82 -31.47 15.80
CA ALA G 71 16.80 -30.37 14.81
C ALA G 71 17.24 -29.07 15.47
N ASP G 72 18.13 -28.33 14.81
CA ASP G 72 18.55 -26.99 15.30
C ASP G 72 17.38 -26.03 15.10
N VAL G 73 16.74 -25.63 16.18
CA VAL G 73 15.55 -24.74 16.09
C VAL G 73 15.98 -23.37 15.55
N ASN G 74 17.28 -23.05 15.62
CA ASN G 74 17.75 -21.71 15.19
C ASN G 74 18.68 -21.83 13.98
N ALA G 75 18.48 -22.86 13.17
CA ALA G 75 19.25 -23.01 11.93
C ALA G 75 18.89 -21.84 11.01
N MET G 76 19.88 -21.35 10.27
CA MET G 76 19.63 -20.18 9.41
C MET G 76 19.86 -20.51 7.94
N ASP G 77 18.92 -20.12 7.08
CA ASP G 77 19.10 -20.28 5.61
C ASP G 77 20.05 -19.19 5.10
N HIS G 78 20.27 -19.14 3.78
CA HIS G 78 21.19 -18.13 3.19
CA HIS G 78 21.18 -18.14 3.16
C HIS G 78 20.86 -16.64 3.41
N TRP G 79 19.59 -16.44 3.75
CA TRP G 79 19.14 -15.06 4.02
C TRP G 79 18.95 -14.82 5.54
N GLY G 80 19.57 -15.66 6.38
CA GLY G 80 19.53 -15.45 7.85
C GLY G 80 18.20 -15.76 8.49
N ARG G 81 17.33 -16.46 7.77
CA ARG G 81 15.98 -16.77 8.30
C ARG G 81 15.96 -18.14 8.97
N THR G 82 15.39 -18.17 10.17
CA THR G 82 15.24 -19.42 10.94
C THR G 82 13.85 -19.98 10.67
N PRO G 83 13.55 -21.23 11.06
CA PRO G 83 12.22 -21.81 10.86
C PRO G 83 11.08 -20.94 11.40
N LEU G 84 11.32 -20.18 12.46
CA LEU G 84 10.29 -19.27 13.04
C LEU G 84 9.97 -18.16 12.04
N HIS G 85 11.00 -17.66 11.35
CA HIS G 85 10.79 -16.62 10.33
C HIS G 85 9.88 -17.18 9.25
N LEU G 86 10.17 -18.41 8.80
CA LEU G 86 9.41 -19.00 7.68
C LEU G 86 7.98 -19.31 8.12
N ALA G 87 7.83 -19.92 9.29
CA ALA G 87 6.48 -20.30 9.79
C ALA G 87 5.64 -19.04 9.99
N ALA G 88 6.26 -17.96 10.47
CA ALA G 88 5.58 -16.66 10.64
C ALA G 88 5.19 -16.10 9.27
N SER G 89 6.09 -16.21 8.30
CA SER G 89 5.81 -15.75 6.91
C SER G 89 4.56 -16.42 6.34
N ARG G 90 4.33 -17.70 6.65
CA ARG G 90 3.21 -18.45 6.04
C ARG G 90 2.01 -18.44 6.99
N GLY G 91 2.21 -17.92 8.19
CA GLY G 91 1.11 -17.81 9.15
C GLY G 91 0.77 -19.13 9.81
N HIS G 92 1.79 -19.93 10.13
CA HIS G 92 1.51 -21.19 10.87
C HIS G 92 1.69 -20.97 12.37
N LEU G 93 0.64 -20.52 13.06
CA LEU G 93 0.73 -20.22 14.52
C LEU G 93 1.14 -21.46 15.32
N ASP G 94 0.53 -22.60 15.03
CA ASP G 94 0.80 -23.84 15.78
C ASP G 94 2.29 -24.19 15.73
N ILE G 95 2.91 -24.11 14.57
CA ILE G 95 4.37 -24.37 14.45
C ILE G 95 5.15 -23.29 15.20
N VAL G 96 4.68 -22.05 15.18
CA VAL G 96 5.37 -20.95 15.89
C VAL G 96 5.41 -21.29 17.37
N GLU G 97 4.27 -21.67 17.92
CA GLU G 97 4.18 -22.03 19.36
C GLU G 97 5.17 -23.17 19.65
N VAL G 98 5.16 -24.21 18.82
CA VAL G 98 6.03 -25.38 19.10
C VAL G 98 7.48 -24.92 19.06
N LEU G 99 7.82 -24.08 18.08
CA LEU G 99 9.24 -23.67 17.91
C LEU G 99 9.65 -22.75 19.07
N LEU G 100 8.76 -21.87 19.48
CA LEU G 100 9.04 -20.97 20.62
C LEU G 100 9.21 -21.83 21.86
N LYS G 101 8.43 -22.90 21.97
CA LYS G 101 8.51 -23.82 23.13
C LYS G 101 9.83 -24.56 23.10
N HIS G 102 10.44 -24.67 21.92
CA HIS G 102 11.68 -25.47 21.79
C HIS G 102 12.92 -24.58 21.70
N GLY G 103 12.79 -23.31 22.06
CA GLY G 103 13.98 -22.43 22.13
C GLY G 103 14.19 -21.54 20.92
N ALA G 104 13.13 -21.27 20.16
CA ALA G 104 13.23 -20.36 19.00
C ALA G 104 13.66 -18.97 19.47
N ASP G 105 14.71 -18.42 18.85
CA ASP G 105 15.20 -17.06 19.19
C ASP G 105 14.22 -16.03 18.61
N VAL G 106 13.30 -15.55 19.43
CA VAL G 106 12.30 -14.59 18.96
C VAL G 106 12.93 -13.27 18.47
N ASN G 107 14.17 -12.97 18.91
CA ASN G 107 14.83 -11.72 18.51
C ASN G 107 15.85 -11.92 17.37
N ALA G 108 15.88 -13.10 16.71
CA ALA G 108 16.82 -13.31 15.62
C ALA G 108 16.39 -12.42 14.47
N GLN G 109 17.36 -11.69 13.92
CA GLN G 109 17.09 -10.81 12.78
C GLN G 109 17.71 -11.43 11.56
N ASP G 110 16.93 -11.50 10.47
CA ASP G 110 17.45 -12.09 9.22
C ASP G 110 18.43 -11.12 8.50
N LYS G 111 18.96 -11.50 7.33
CA LYS G 111 19.89 -10.67 6.56
C LYS G 111 19.29 -9.34 6.06
N PHE G 112 17.97 -9.14 6.25
CA PHE G 112 17.29 -7.87 5.89
C PHE G 112 16.82 -7.16 7.16
N GLY G 113 17.34 -7.55 8.31
CA GLY G 113 17.07 -6.94 9.61
C GLY G 113 15.72 -7.23 10.21
N LYS G 114 14.97 -8.21 9.66
CA LYS G 114 13.64 -8.51 10.16
C LYS G 114 13.61 -9.66 11.15
N THR G 115 12.73 -9.49 12.15
CA THR G 115 12.45 -10.55 13.13
C THR G 115 11.18 -11.26 12.65
N ALA G 116 10.85 -12.40 13.25
CA ALA G 116 9.60 -13.12 12.91
C ALA G 116 8.40 -12.19 13.11
N PHE G 117 8.46 -11.34 14.13
CA PHE G 117 7.35 -10.39 14.41
C PHE G 117 7.20 -9.43 13.23
N ASP G 118 8.29 -8.80 12.83
CA ASP G 118 8.26 -7.88 11.67
C ASP G 118 7.66 -8.62 10.47
N ILE G 119 8.13 -9.85 10.26
CA ILE G 119 7.66 -10.63 9.07
C ILE G 119 6.15 -10.84 9.20
N SER G 120 5.69 -11.25 10.37
CA SER G 120 4.25 -11.47 10.62
C SER G 120 3.47 -10.19 10.30
N ILE G 121 3.90 -9.08 10.88
CA ILE G 121 3.23 -7.77 10.62
C ILE G 121 3.18 -7.55 9.12
N ASP G 122 4.34 -7.62 8.46
CA ASP G 122 4.46 -7.39 7.00
C ASP G 122 3.45 -8.24 6.21
N ASN G 123 2.95 -9.35 6.76
CA ASN G 123 2.07 -10.25 5.95
C ASN G 123 0.67 -10.38 6.56
N GLY G 124 0.23 -9.43 7.37
CA GLY G 124 -1.16 -9.48 7.89
C GLY G 124 -1.30 -10.27 9.18
N ASN G 125 -0.48 -11.32 9.36
CA ASN G 125 -0.63 -12.21 10.55
C ASN G 125 -0.52 -11.37 11.83
N GLU G 126 -1.65 -10.90 12.35
CA GLU G 126 -1.65 -10.01 13.53
C GLU G 126 -1.80 -10.84 14.81
N ASP G 127 -2.46 -12.00 14.72
CA ASP G 127 -2.54 -12.92 15.89
C ASP G 127 -1.15 -13.50 16.16
N LEU G 128 -0.40 -13.81 15.10
CA LEU G 128 0.99 -14.30 15.29
C LEU G 128 1.80 -13.19 15.93
N ALA G 129 1.54 -11.96 15.51
CA ALA G 129 2.26 -10.81 16.09
C ALA G 129 2.10 -10.85 17.60
N GLU G 130 0.86 -10.88 18.06
CA GLU G 130 0.62 -10.85 19.52
C GLU G 130 1.40 -11.98 20.19
N ILE G 131 1.21 -13.20 19.70
CA ILE G 131 1.87 -14.36 20.36
C ILE G 131 3.37 -14.09 20.40
N LEU G 132 3.90 -13.39 19.39
CA LEU G 132 5.37 -13.17 19.32
C LEU G 132 5.75 -11.99 20.22
N GLN G 133 4.79 -11.19 20.65
CA GLN G 133 5.07 -10.06 21.59
C GLN G 133 4.51 -10.39 22.98
N ASP H 13 -5.87 -29.15 -0.96
CA ASP H 13 -5.79 -28.12 0.08
C ASP H 13 -7.14 -27.89 0.78
N LEU H 14 -7.22 -28.30 2.05
CA LEU H 14 -8.45 -28.16 2.83
C LEU H 14 -8.81 -26.73 3.20
N GLY H 15 -7.84 -25.82 3.17
CA GLY H 15 -8.10 -24.42 3.47
C GLY H 15 -8.98 -23.80 2.40
N LYS H 16 -8.68 -24.10 1.13
CA LYS H 16 -9.46 -23.58 0.02
C LYS H 16 -10.88 -24.15 0.04
N LYS H 17 -11.02 -25.45 0.34
CA LYS H 17 -12.33 -26.07 0.48
C LYS H 17 -13.09 -25.49 1.68
N LEU H 18 -12.37 -25.17 2.77
CA LEU H 18 -12.98 -24.58 3.97
C LEU H 18 -13.55 -23.20 3.70
N LEU H 19 -12.77 -22.35 3.04
CA LEU H 19 -13.22 -21.01 2.65
C LEU H 19 -14.49 -21.11 1.78
N GLU H 20 -14.50 -22.07 0.83
CA GLU H 20 -15.64 -22.29 -0.05
C GLU H 20 -16.85 -22.75 0.71
N ALA H 21 -16.69 -23.72 1.62
CA ALA H 21 -17.76 -24.24 2.44
C ALA H 21 -18.36 -23.16 3.35
N ALA H 22 -17.50 -22.35 3.99
CA ALA H 22 -17.96 -21.26 4.86
C ALA H 22 -18.73 -20.21 4.07
N ARG H 23 -18.22 -19.87 2.89
CA ARG H 23 -18.95 -18.91 2.01
C ARG H 23 -20.32 -19.46 1.62
N ALA H 24 -20.37 -20.70 1.15
CA ALA H 24 -21.61 -21.30 0.65
C ALA H 24 -22.62 -21.71 1.71
N GLY H 25 -22.22 -21.71 2.97
CA GLY H 25 -23.12 -22.08 4.05
C GLY H 25 -23.36 -23.56 4.17
N GLN H 26 -22.30 -24.35 3.97
CA GLN H 26 -22.34 -25.80 4.05
C GLN H 26 -21.89 -26.22 5.44
N ASP H 27 -22.79 -26.13 6.41
CA ASP H 27 -22.53 -26.45 7.81
C ASP H 27 -21.81 -27.79 8.03
N ASP H 28 -22.34 -28.89 7.47
CA ASP H 28 -21.74 -30.22 7.67
C ASP H 28 -20.40 -30.36 6.99
N GLU H 29 -20.19 -29.71 5.84
CA GLU H 29 -18.90 -29.77 5.17
C GLU H 29 -17.81 -29.06 5.99
N VAL H 30 -18.15 -27.94 6.64
CA VAL H 30 -17.18 -27.20 7.49
C VAL H 30 -16.68 -28.11 8.63
N ARG H 31 -17.57 -28.86 9.28
CA ARG H 31 -17.15 -29.78 10.36
C ARG H 31 -16.26 -30.90 9.79
N ILE H 32 -16.65 -31.52 8.67
CA ILE H 32 -15.82 -32.57 8.07
C ILE H 32 -14.42 -32.07 7.73
N LEU H 33 -14.34 -30.88 7.12
CA LEU H 33 -13.05 -30.31 6.74
C LEU H 33 -12.18 -30.06 7.95
N MET H 34 -12.77 -29.50 9.01
CA MET H 34 -12.00 -29.20 10.20
C MET H 34 -11.63 -30.45 11.00
N ALA H 35 -12.45 -31.50 10.94
CA ALA H 35 -12.10 -32.79 11.55
C ALA H 35 -10.91 -33.40 10.79
N ASN H 36 -10.75 -33.09 9.48
CA ASN H 36 -9.63 -33.57 8.68
C ASN H 36 -8.37 -32.69 8.75
N GLY H 37 -8.39 -31.67 9.60
CA GLY H 37 -7.23 -30.81 9.81
C GLY H 37 -7.17 -29.53 8.98
N ALA H 38 -8.34 -29.00 8.55
CA ALA H 38 -8.34 -27.76 7.76
C ALA H 38 -7.99 -26.59 8.64
N ASP H 39 -7.19 -25.68 8.10
CA ASP H 39 -6.77 -24.48 8.81
C ASP H 39 -7.98 -23.57 9.00
N VAL H 40 -8.40 -23.38 10.26
CA VAL H 40 -9.54 -22.52 10.61
C VAL H 40 -9.30 -21.06 10.20
N ASN H 41 -8.02 -20.65 10.07
CA ASN H 41 -7.67 -19.30 9.71
C ASN H 41 -7.02 -19.21 8.35
N ALA H 42 -7.38 -20.11 7.43
CA ALA H 42 -6.84 -20.07 6.08
C ALA H 42 -7.33 -18.79 5.39
N LYS H 43 -6.49 -18.19 4.56
CA LYS H 43 -6.85 -16.95 3.90
C LYS H 43 -6.91 -17.04 2.37
N ASP H 44 -7.97 -16.48 1.79
CA ASP H 44 -8.09 -16.43 0.32
C ASP H 44 -7.21 -15.28 -0.22
N ARG H 45 -7.25 -15.03 -1.54
CA ARG H 45 -6.47 -13.99 -2.22
C ARG H 45 -6.60 -12.60 -1.63
N TYR H 46 -7.75 -12.28 -1.00
CA TYR H 46 -8.07 -10.99 -0.40
C TYR H 46 -7.94 -10.93 1.13
N GLY H 47 -7.34 -11.96 1.74
CA GLY H 47 -7.19 -12.02 3.18
C GLY H 47 -8.44 -12.40 3.93
N ASN H 48 -9.46 -12.91 3.24
CA ASN H 48 -10.66 -13.38 3.93
C ASN H 48 -10.37 -14.73 4.54
N THR H 49 -10.81 -14.93 5.77
CA THR H 49 -10.73 -16.22 6.47
C THR H 49 -12.14 -16.83 6.37
N PRO H 50 -12.32 -18.12 6.74
CA PRO H 50 -13.68 -18.68 6.75
C PRO H 50 -14.64 -17.86 7.59
N LEU H 51 -14.15 -17.32 8.73
CA LEU H 51 -14.96 -16.48 9.62
C LEU H 51 -15.38 -15.17 8.95
N HIS H 52 -14.51 -14.57 8.13
CA HIS H 52 -14.90 -13.36 7.37
C HIS H 52 -16.05 -13.70 6.41
N LEU H 53 -15.90 -14.83 5.66
CA LEU H 53 -16.90 -15.24 4.67
C LEU H 53 -18.22 -15.63 5.28
N ALA H 54 -18.19 -16.43 6.37
CA ALA H 54 -19.42 -16.82 7.04
C ALA H 54 -20.14 -15.63 7.64
N ALA H 55 -19.38 -14.69 8.25
CA ALA H 55 -19.95 -13.48 8.83
C ALA H 55 -20.57 -12.61 7.76
N TYR H 56 -19.88 -12.48 6.61
CA TYR H 56 -20.42 -11.66 5.53
C TYR H 56 -21.68 -12.30 4.93
N MET H 57 -21.71 -13.63 4.81
CA MET H 57 -22.84 -14.32 4.14
C MET H 57 -24.01 -14.62 5.09
N GLY H 58 -23.84 -14.38 6.39
CA GLY H 58 -24.95 -14.56 7.32
C GLY H 58 -25.13 -15.94 7.91
N HIS H 59 -24.08 -16.76 7.83
CA HIS H 59 -24.09 -18.14 8.31
C HIS H 59 -23.73 -18.21 9.78
N LEU H 60 -24.73 -18.04 10.66
CA LEU H 60 -24.59 -18.04 12.12
C LEU H 60 -23.92 -19.27 12.71
N GLU H 61 -24.40 -20.48 12.37
CA GLU H 61 -23.85 -21.69 12.95
C GLU H 61 -22.42 -21.93 12.53
N ILE H 62 -22.07 -21.56 11.30
CA ILE H 62 -20.69 -21.70 10.85
C ILE H 62 -19.81 -20.72 11.63
N VAL H 63 -20.28 -19.50 11.89
CA VAL H 63 -19.56 -18.49 12.69
C VAL H 63 -19.29 -19.07 14.09
N GLU H 64 -20.34 -19.54 14.78
CA GLU H 64 -20.18 -20.16 16.10
C GLU H 64 -19.22 -21.34 16.10
N VAL H 65 -19.31 -22.21 15.08
CA VAL H 65 -18.46 -23.40 14.94
C VAL H 65 -17.01 -23.01 14.72
N LEU H 66 -16.77 -22.04 13.83
CA LEU H 66 -15.42 -21.59 13.52
C LEU H 66 -14.76 -20.99 14.77
N LEU H 67 -15.50 -20.20 15.53
CA LEU H 67 -14.95 -19.58 16.75
C LEU H 67 -14.58 -20.65 17.78
N LYS H 68 -15.38 -21.73 17.87
CA LYS H 68 -15.09 -22.85 18.76
C LYS H 68 -13.78 -23.56 18.38
N TYR H 69 -13.44 -23.61 17.09
CA TYR H 69 -12.23 -24.38 16.67
C TYR H 69 -11.01 -23.46 16.51
N GLY H 70 -11.02 -22.29 17.15
CA GLY H 70 -9.85 -21.40 17.18
C GLY H 70 -9.78 -20.29 16.16
N ALA H 71 -10.93 -19.83 15.62
CA ALA H 71 -10.91 -18.73 14.64
C ALA H 71 -10.60 -17.41 15.29
N ASP H 72 -9.74 -16.63 14.64
CA ASP H 72 -9.34 -15.30 15.07
C ASP H 72 -10.48 -14.36 14.79
N VAL H 73 -11.21 -13.98 15.86
CA VAL H 73 -12.37 -13.08 15.76
C VAL H 73 -12.00 -11.67 15.22
N ASN H 74 -10.72 -11.32 15.31
CA ASN H 74 -10.29 -9.96 14.90
C ASN H 74 -9.32 -10.05 13.71
N ALA H 75 -9.34 -11.17 12.99
CA ALA H 75 -8.52 -11.31 11.77
C ALA H 75 -8.88 -10.20 10.79
N MET H 76 -7.93 -9.80 9.95
CA MET H 76 -8.16 -8.63 9.08
C MET H 76 -7.94 -8.97 7.60
N ASP H 77 -8.82 -8.47 6.73
CA ASP H 77 -8.68 -8.66 5.27
C ASP H 77 -7.67 -7.64 4.72
N HIS H 78 -7.48 -7.64 3.39
CA HIS H 78 -6.58 -6.66 2.73
CA HIS H 78 -6.57 -6.66 2.75
C HIS H 78 -6.92 -5.15 2.92
N TRP H 79 -8.12 -4.93 3.46
CA TRP H 79 -8.56 -3.53 3.71
C TRP H 79 -8.78 -3.30 5.21
N GLY H 80 -8.16 -4.14 6.04
CA GLY H 80 -8.23 -3.98 7.49
C GLY H 80 -9.56 -4.32 8.14
N ARG H 81 -10.46 -4.95 7.38
CA ARG H 81 -11.77 -5.28 7.89
C ARG H 81 -11.80 -6.64 8.56
N THR H 82 -12.38 -6.68 9.75
CA THR H 82 -12.55 -7.88 10.56
C THR H 82 -13.97 -8.45 10.28
N PRO H 83 -14.28 -9.67 10.76
CA PRO H 83 -15.63 -10.20 10.53
C PRO H 83 -16.75 -9.32 11.08
N LEU H 84 -16.51 -8.55 12.16
CA LEU H 84 -17.51 -7.62 12.71
C LEU H 84 -17.81 -6.54 11.68
N HIS H 85 -16.79 -6.02 10.98
CA HIS H 85 -16.94 -5.02 9.92
C HIS H 85 -17.81 -5.61 8.80
N LEU H 86 -17.57 -6.86 8.42
CA LEU H 86 -18.32 -7.50 7.33
C LEU H 86 -19.74 -7.83 7.74
N ALA H 87 -19.95 -8.31 8.97
CA ALA H 87 -21.28 -8.62 9.48
C ALA H 87 -22.12 -7.38 9.59
N ALA H 88 -21.50 -6.24 9.97
CA ALA H 88 -22.14 -4.96 10.09
C ALA H 88 -22.50 -4.45 8.72
N SER H 89 -21.62 -4.59 7.74
CA SER H 89 -21.88 -4.13 6.36
C SER H 89 -23.14 -4.80 5.82
N ARG H 90 -23.39 -6.05 6.20
CA ARG H 90 -24.53 -6.81 5.62
C ARG H 90 -25.76 -6.78 6.54
N GLY H 91 -25.62 -6.25 7.76
CA GLY H 91 -26.79 -6.10 8.66
C GLY H 91 -27.14 -7.36 9.41
N HIS H 92 -26.15 -8.19 9.71
CA HIS H 92 -26.40 -9.45 10.44
C HIS H 92 -26.17 -9.22 11.94
N LEU H 93 -27.19 -8.70 12.64
CA LEU H 93 -27.08 -8.42 14.10
C LEU H 93 -26.71 -9.69 14.87
N ASP H 94 -27.32 -10.81 14.52
CA ASP H 94 -27.06 -12.09 15.21
C ASP H 94 -25.57 -12.39 15.25
N ILE H 95 -24.91 -12.30 14.11
CA ILE H 95 -23.46 -12.65 14.05
C ILE H 95 -22.64 -11.59 14.79
N VAL H 96 -23.04 -10.33 14.68
CA VAL H 96 -22.31 -9.24 15.39
C VAL H 96 -22.33 -9.56 16.89
N GLU H 97 -23.49 -9.93 17.41
CA GLU H 97 -23.61 -10.25 18.86
C GLU H 97 -22.68 -11.41 19.20
N VAL H 98 -22.68 -12.47 18.38
CA VAL H 98 -21.79 -13.62 18.64
C VAL H 98 -20.33 -13.16 18.62
N LEU H 99 -19.94 -12.37 17.63
CA LEU H 99 -18.50 -12.02 17.51
C LEU H 99 -18.08 -11.17 18.70
N LEU H 100 -18.93 -10.23 19.08
CA LEU H 100 -18.63 -9.37 20.24
C LEU H 100 -18.45 -10.27 21.47
N LYS H 101 -19.38 -11.21 21.67
CA LYS H 101 -19.29 -12.14 22.83
C LYS H 101 -17.98 -12.91 22.74
N HIS H 102 -17.44 -13.06 21.54
CA HIS H 102 -16.21 -13.88 21.39
C HIS H 102 -14.98 -12.96 21.31
N GLY H 103 -15.11 -11.71 21.71
CA GLY H 103 -13.92 -10.83 21.77
C GLY H 103 -13.71 -9.94 20.56
N ALA H 104 -14.75 -9.66 19.79
CA ALA H 104 -14.62 -8.73 18.65
C ALA H 104 -14.22 -7.35 19.16
N ASP H 105 -13.25 -6.71 18.51
CA ASP H 105 -12.84 -5.33 18.87
C ASP H 105 -13.75 -4.34 18.16
N VAL H 106 -14.72 -3.78 18.88
CA VAL H 106 -15.69 -2.82 18.29
C VAL H 106 -14.96 -1.53 17.88
N ASN H 107 -13.73 -1.35 18.34
CA ASN H 107 -12.98 -0.10 18.07
C ASN H 107 -12.00 -0.31 16.93
N ALA H 108 -12.02 -1.50 16.33
CA ALA H 108 -11.14 -1.79 15.19
C ALA H 108 -11.42 -0.82 14.05
N GLN H 109 -10.38 -0.19 13.54
CA GLN H 109 -10.55 0.74 12.39
C GLN H 109 -9.89 0.12 11.15
N ASP H 110 -10.58 0.14 10.02
CA ASP H 110 -10.07 -0.44 8.76
C ASP H 110 -9.15 0.55 8.05
N LYS H 111 -8.70 0.20 6.84
CA LYS H 111 -7.73 1.02 6.10
C LYS H 111 -8.37 2.32 5.60
N PHE H 112 -9.65 2.50 5.87
CA PHE H 112 -10.34 3.76 5.51
C PHE H 112 -10.75 4.47 6.80
N GLY H 113 -10.22 4.03 7.95
CA GLY H 113 -10.49 4.67 9.24
C GLY H 113 -11.87 4.37 9.79
N LYS H 114 -12.52 3.34 9.25
CA LYS H 114 -13.93 3.08 9.64
C LYS H 114 -14.09 1.97 10.67
N THR H 115 -15.04 2.15 11.57
CA THR H 115 -15.41 1.12 12.56
C THR H 115 -16.72 0.47 12.11
N ALA H 116 -17.08 -0.66 12.69
CA ALA H 116 -18.36 -1.32 12.37
C ALA H 116 -19.53 -0.36 12.58
N PHE H 117 -19.42 0.52 13.59
CA PHE H 117 -20.48 1.52 13.83
C PHE H 117 -20.56 2.47 12.63
N ASP H 118 -19.41 3.01 12.23
CA ASP H 118 -19.38 3.94 11.06
C ASP H 118 -20.04 3.22 9.89
N ILE H 119 -19.62 1.97 9.62
CA ILE H 119 -20.19 1.18 8.51
C ILE H 119 -21.71 1.09 8.70
N SER H 120 -22.17 0.71 9.89
CA SER H 120 -23.62 0.56 10.15
C SER H 120 -24.35 1.83 9.74
N ILE H 121 -23.83 2.97 10.17
CA ILE H 121 -24.45 4.28 9.85
C ILE H 121 -24.47 4.47 8.34
N ASP H 122 -23.32 4.33 7.72
CA ASP H 122 -23.18 4.49 6.25
C ASP H 122 -24.23 3.66 5.51
N ASN H 123 -24.56 2.48 6.04
CA ASN H 123 -25.51 1.56 5.36
C ASN H 123 -26.92 1.78 5.88
N GLY H 124 -27.12 2.68 6.84
CA GLY H 124 -28.47 3.03 7.32
C GLY H 124 -29.08 2.03 8.28
N ASN H 125 -28.24 1.22 8.92
CA ASN H 125 -28.75 0.25 9.93
C ASN H 125 -28.79 0.94 11.30
N GLU H 126 -29.76 1.83 11.49
CA GLU H 126 -29.95 2.55 12.79
C GLU H 126 -29.92 1.58 13.97
N ASP H 127 -30.47 0.38 13.81
CA ASP H 127 -30.57 -0.56 14.96
C ASP H 127 -29.21 -1.16 15.30
N LEU H 128 -28.47 -1.64 14.30
CA LEU H 128 -27.12 -2.21 14.53
C LEU H 128 -26.24 -1.13 15.15
N ALA H 129 -26.36 0.09 14.66
CA ALA H 129 -25.60 1.20 15.25
C ALA H 129 -25.94 1.26 16.74
N GLU H 130 -27.23 1.42 17.04
CA GLU H 130 -27.67 1.44 18.45
C GLU H 130 -27.00 0.31 19.21
N ILE H 131 -27.01 -0.90 18.65
CA ILE H 131 -26.44 -2.07 19.38
C ILE H 131 -24.93 -1.87 19.58
N LEU H 132 -24.21 -1.48 18.53
CA LEU H 132 -22.74 -1.37 18.62
C LEU H 132 -22.36 -0.33 19.67
N GLN H 133 -23.12 0.77 19.77
CA GLN H 133 -22.85 1.73 20.86
C GLN H 133 -23.54 1.25 22.14
#